data_3AT1
#
_entry.id   3AT1
#
_cell.length_a   122.400
_cell.length_b   122.400
_cell.length_c   142.200
_cell.angle_alpha   90.00
_cell.angle_beta   90.00
_cell.angle_gamma   120.00
#
_symmetry.space_group_name_H-M   'P 3 2 1'
#
loop_
_entity.id
_entity.type
_entity.pdbx_description
1 polymer 'ASPARTATE CARBAMOYLTRANSFERASE (T STATE), CATALYTIC CHAIN'
2 polymer 'ASPARTATE CARBAMOYLTRANSFERASE REGULATORY CHAIN'
3 non-polymer PHOSPHONOACETAMIDE
4 non-polymer 'ZINC ION'
#
loop_
_entity_poly.entity_id
_entity_poly.type
_entity_poly.pdbx_seq_one_letter_code
_entity_poly.pdbx_strand_id
1 'polypeptide(L)'
;ANPLYQKHIISINDLSRDDLNLVLATAAKLKANPQPELLKHKVIASCFFEASTRTRLSFQTSMHRLGASVVGFSDSANTS
LGKKGETLADTISVISTYVDAIVMRHPQEGAARLATEFSGNVPVLNAGDGSNQHPTQTLLDLFTIQQTEGRLDNLHVAMV
GDLKYGRTVHSLTQALAKFDGNRFYFIAPDALAMPEYILDMLDEKGIAWSLHSSIEEVMAEVDILYMTRVQKERLDPSEY
ANVKAQFVLRASDLHNAKANMKVLHPLPRVDEIATDVDKTPHAWYFQQAGNGIFARQALLALVLNRDLVL
;
A,C
2 'polypeptide(L)'
;MTHDNKLGVEAIKRGTVIDHIPAQIGFKLLSLFKLTETDQRITIGLNLPSGEMGRKDLIKIENTFLSEDQVDQLALYAPQ
ATVNRIDNYEVVGKSRPSLPERIDNVLVCPNSNCISHAEPVSSSFAVRKRANDIALKCKYCEKEFSHNVVLAN
;
B,D
#
# COMPACT_ATOMS: atom_id res chain seq x y z
N ALA A 1 11.81 -44.62 -7.06
CA ALA A 1 11.79 -43.20 -6.84
C ALA A 1 10.99 -43.33 -5.57
N ASN A 2 11.61 -42.97 -4.44
CA ASN A 2 11.05 -43.03 -3.09
C ASN A 2 9.81 -42.14 -2.98
N PRO A 3 8.89 -42.22 -2.00
CA PRO A 3 7.64 -41.45 -2.06
C PRO A 3 7.78 -39.94 -1.81
N LEU A 4 8.98 -39.41 -1.57
CA LEU A 4 9.21 -38.01 -1.31
C LEU A 4 10.13 -37.35 -2.32
N TYR A 5 10.61 -38.13 -3.27
CA TYR A 5 11.51 -37.60 -4.26
C TYR A 5 10.92 -36.46 -5.14
N GLN A 6 11.70 -35.37 -5.17
CA GLN A 6 11.43 -34.11 -5.87
C GLN A 6 10.14 -33.48 -5.36
N LYS A 7 9.66 -33.94 -4.19
CA LYS A 7 8.51 -33.34 -3.54
C LYS A 7 8.95 -32.04 -2.89
N HIS A 8 7.99 -31.11 -2.78
CA HIS A 8 8.21 -29.90 -2.00
C HIS A 8 7.90 -30.25 -0.52
N ILE A 9 8.44 -29.63 0.54
CA ILE A 9 8.09 -29.99 1.90
C ILE A 9 7.76 -28.66 2.53
N ILE A 10 6.49 -28.32 2.37
CA ILE A 10 5.91 -27.08 2.89
C ILE A 10 5.11 -27.15 4.18
N SER A 11 4.15 -28.06 4.33
CA SER A 11 3.34 -28.11 5.53
C SER A 11 3.34 -29.48 6.16
N ILE A 12 3.29 -29.63 7.49
CA ILE A 12 3.25 -31.01 8.09
C ILE A 12 1.95 -31.67 7.66
N ASN A 13 0.95 -30.80 7.61
CA ASN A 13 -0.40 -31.04 7.20
C ASN A 13 -0.42 -31.70 5.82
N ASP A 14 0.49 -31.42 4.88
CA ASP A 14 0.51 -32.16 3.64
C ASP A 14 1.32 -33.46 3.81
N LEU A 15 1.79 -33.98 4.93
CA LEU A 15 2.52 -35.26 4.97
C LEU A 15 1.73 -36.27 5.76
N SER A 16 1.79 -37.50 5.28
CA SER A 16 1.13 -38.64 5.88
C SER A 16 2.02 -39.25 6.96
N ARG A 17 1.40 -40.07 7.83
CA ARG A 17 2.08 -40.84 8.86
C ARG A 17 3.10 -41.80 8.22
N ASP A 18 2.72 -42.23 7.02
CA ASP A 18 3.54 -43.05 6.18
C ASP A 18 4.80 -42.31 5.79
N ASP A 19 4.71 -41.08 5.22
CA ASP A 19 5.87 -40.25 4.85
C ASP A 19 6.74 -39.91 6.09
N LEU A 20 6.09 -39.42 7.16
CA LEU A 20 6.67 -39.03 8.43
C LEU A 20 7.56 -40.16 8.89
N ASN A 21 7.04 -41.38 8.72
CA ASN A 21 7.78 -42.53 9.19
C ASN A 21 8.97 -42.81 8.34
N LEU A 22 8.90 -42.63 7.01
CA LEU A 22 10.03 -42.91 6.15
C LEU A 22 11.07 -41.84 6.47
N VAL A 23 10.67 -40.59 6.74
CA VAL A 23 11.67 -39.63 7.16
C VAL A 23 12.38 -40.09 8.45
N LEU A 24 11.68 -40.46 9.51
CA LEU A 24 12.35 -40.86 10.74
C LEU A 24 13.28 -42.08 10.59
N ALA A 25 12.94 -42.94 9.62
CA ALA A 25 13.65 -44.18 9.46
C ALA A 25 15.00 -43.93 8.86
N THR A 26 14.94 -43.16 7.78
CA THR A 26 16.12 -42.67 7.10
C THR A 26 17.04 -41.91 8.06
N ALA A 27 16.58 -40.88 8.77
CA ALA A 27 17.33 -40.16 9.78
C ALA A 27 18.17 -41.05 10.67
N ALA A 28 17.48 -42.11 11.12
CA ALA A 28 18.06 -43.09 12.00
C ALA A 28 19.26 -43.83 11.40
N LYS A 29 19.03 -44.18 10.12
CA LYS A 29 20.00 -44.82 9.25
C LYS A 29 21.24 -43.95 9.07
N LEU A 30 21.03 -42.73 8.58
CA LEU A 30 22.10 -41.78 8.32
C LEU A 30 22.85 -41.49 9.61
N LYS A 31 22.06 -41.43 10.71
CA LYS A 31 22.64 -41.24 12.01
C LYS A 31 23.57 -42.41 12.30
N ALA A 32 23.19 -43.67 12.10
CA ALA A 32 24.09 -44.80 12.27
C ALA A 32 25.20 -44.78 11.24
N ASN A 33 25.03 -44.39 9.99
CA ASN A 33 26.09 -44.45 9.01
C ASN A 33 26.12 -43.26 8.04
N PRO A 34 27.10 -42.38 8.26
CA PRO A 34 27.35 -41.16 7.51
C PRO A 34 27.52 -41.38 6.03
N GLN A 35 26.86 -40.75 5.07
CA GLN A 35 27.17 -41.00 3.68
C GLN A 35 27.67 -39.69 3.08
N PRO A 36 28.95 -39.32 3.34
CA PRO A 36 29.55 -37.98 3.05
C PRO A 36 29.53 -37.40 1.65
N GLU A 37 29.03 -38.17 0.68
CA GLU A 37 29.13 -37.84 -0.71
C GLU A 37 27.81 -38.16 -1.37
N LEU A 38 26.70 -38.35 -0.67
CA LEU A 38 25.41 -38.63 -1.30
C LEU A 38 24.84 -37.60 -2.31
N LEU A 39 25.14 -36.35 -1.99
CA LEU A 39 24.69 -35.13 -2.62
C LEU A 39 25.84 -34.35 -3.25
N LYS A 40 26.97 -35.06 -3.44
CA LYS A 40 28.09 -34.53 -4.21
C LYS A 40 27.57 -33.84 -5.51
N HIS A 41 28.10 -32.66 -5.87
CA HIS A 41 27.70 -32.01 -7.13
C HIS A 41 26.23 -31.53 -7.14
N LYS A 42 25.63 -31.32 -5.98
CA LYS A 42 24.34 -30.68 -5.94
C LYS A 42 24.65 -29.28 -5.38
N VAL A 43 23.92 -28.21 -5.75
CA VAL A 43 24.09 -26.89 -5.19
C VAL A 43 22.75 -26.50 -4.61
N ILE A 44 22.71 -26.11 -3.36
CA ILE A 44 21.51 -25.79 -2.62
C ILE A 44 21.54 -24.35 -2.07
N ALA A 45 20.41 -23.66 -2.39
CA ALA A 45 20.18 -22.33 -1.92
C ALA A 45 19.81 -22.26 -0.43
N SER A 46 20.55 -21.50 0.40
CA SER A 46 19.95 -21.11 1.67
C SER A 46 19.44 -19.68 1.62
N CYS A 47 18.14 -19.57 1.52
CA CYS A 47 17.56 -18.29 1.49
C CYS A 47 16.86 -18.00 2.83
N PHE A 48 17.52 -17.30 3.75
CA PHE A 48 16.87 -16.85 4.94
C PHE A 48 16.66 -15.33 4.75
N PHE A 49 15.39 -15.01 4.50
CA PHE A 49 14.93 -13.65 4.35
C PHE A 49 14.69 -13.16 5.77
N GLU A 50 14.26 -14.07 6.62
CA GLU A 50 14.15 -13.83 8.05
C GLU A 50 15.35 -14.64 8.46
N ALA A 51 16.18 -14.15 9.33
CA ALA A 51 17.33 -14.96 9.61
C ALA A 51 17.28 -15.57 11.01
N SER A 52 17.99 -16.73 11.06
CA SER A 52 17.84 -17.71 12.13
C SER A 52 18.87 -18.80 12.42
N THR A 53 19.70 -18.73 13.46
CA THR A 53 20.69 -19.73 13.95
C THR A 53 20.63 -21.28 13.71
N ARG A 54 19.91 -22.01 14.61
CA ARG A 54 19.86 -23.46 14.49
C ARG A 54 19.26 -23.84 13.20
N THR A 55 18.08 -23.38 12.72
CA THR A 55 17.65 -23.92 11.45
C THR A 55 18.59 -23.65 10.25
N ARG A 56 19.16 -22.46 10.18
CA ARG A 56 20.15 -22.15 9.13
C ARG A 56 21.44 -22.98 9.21
N LEU A 57 22.22 -22.91 10.36
CA LEU A 57 23.44 -23.70 10.55
C LEU A 57 23.13 -25.19 10.59
N SER A 58 22.02 -25.67 11.12
CA SER A 58 21.58 -27.05 11.01
C SER A 58 21.47 -27.53 9.54
N PHE A 59 20.69 -26.85 8.69
CA PHE A 59 20.57 -27.21 7.26
C PHE A 59 21.85 -27.04 6.46
N GLN A 60 22.55 -25.90 6.56
CA GLN A 60 23.82 -25.83 5.92
C GLN A 60 24.83 -26.91 6.38
N THR A 61 24.84 -27.29 7.65
CA THR A 61 25.72 -28.34 8.09
C THR A 61 25.22 -29.63 7.49
N SER A 62 23.93 -29.87 7.35
CA SER A 62 23.40 -31.08 6.69
C SER A 62 23.79 -31.23 5.24
N MET A 63 23.79 -30.08 4.58
CA MET A 63 24.15 -30.04 3.17
C MET A 63 25.64 -30.42 3.01
N HIS A 64 26.48 -29.87 3.90
CA HIS A 64 27.86 -30.27 3.93
C HIS A 64 28.08 -31.71 4.36
N ARG A 65 27.37 -32.19 5.38
CA ARG A 65 27.56 -33.56 5.81
C ARG A 65 27.24 -34.63 4.73
N LEU A 66 26.50 -34.22 3.70
CA LEU A 66 26.08 -35.03 2.57
C LEU A 66 26.76 -34.74 1.25
N GLY A 67 27.68 -33.80 1.25
CA GLY A 67 28.38 -33.49 0.04
C GLY A 67 27.95 -32.27 -0.74
N ALA A 68 26.71 -31.77 -0.60
CA ALA A 68 26.27 -30.64 -1.41
C ALA A 68 27.03 -29.28 -1.23
N SER A 69 26.97 -28.41 -2.22
CA SER A 69 27.38 -27.05 -2.05
C SER A 69 26.20 -26.11 -1.71
N VAL A 70 26.44 -25.04 -0.91
CA VAL A 70 25.43 -24.06 -0.53
C VAL A 70 25.75 -22.70 -1.15
N VAL A 71 24.77 -21.98 -1.71
CA VAL A 71 24.96 -20.57 -2.05
C VAL A 71 23.86 -19.92 -1.22
N GLY A 72 23.87 -18.62 -0.84
CA GLY A 72 22.72 -18.10 -0.10
C GLY A 72 22.77 -16.70 0.50
N PHE A 73 21.97 -16.45 1.52
CA PHE A 73 21.82 -15.21 2.24
C PHE A 73 20.96 -15.44 3.51
N SER A 74 21.03 -14.41 4.33
CA SER A 74 20.28 -14.24 5.56
C SER A 74 19.80 -12.79 5.36
N ASP A 75 18.82 -12.28 6.11
CA ASP A 75 18.35 -10.88 5.97
C ASP A 75 17.29 -10.65 7.06
N SER A 76 16.88 -9.39 7.06
CA SER A 76 15.82 -8.75 7.82
C SER A 76 16.19 -7.28 7.65
N ALA A 77 17.46 -6.95 7.37
CA ALA A 77 17.82 -5.55 7.19
C ALA A 77 17.82 -5.19 5.71
N ASN A 78 18.56 -5.98 4.92
CA ASN A 78 18.84 -5.73 3.49
C ASN A 78 19.91 -6.75 3.14
N THR A 79 20.41 -6.71 1.91
CA THR A 79 21.63 -7.35 1.44
C THR A 79 21.60 -7.23 -0.05
N SER A 80 20.47 -7.58 -0.66
CA SER A 80 20.42 -7.68 -2.09
C SER A 80 19.00 -7.46 -2.56
N LEU A 81 18.94 -6.99 -3.80
CA LEU A 81 17.73 -6.76 -4.60
C LEU A 81 16.48 -7.56 -4.20
N GLY A 82 15.65 -6.87 -3.43
CA GLY A 82 14.40 -7.43 -2.94
C GLY A 82 13.89 -6.63 -1.74
N LYS A 83 12.80 -5.88 -1.94
CA LYS A 83 12.10 -5.10 -0.91
C LYS A 83 11.03 -4.42 -1.73
N LYS A 84 11.38 -3.63 -2.72
CA LYS A 84 10.37 -3.18 -3.68
C LYS A 84 10.57 -4.20 -4.82
N GLY A 85 9.64 -4.12 -5.82
CA GLY A 85 9.57 -4.79 -7.16
C GLY A 85 10.16 -6.19 -7.42
N GLU A 86 11.24 -6.53 -6.74
CA GLU A 86 11.69 -7.86 -6.77
C GLU A 86 10.76 -8.53 -5.78
N THR A 87 9.87 -9.22 -6.47
CA THR A 87 8.83 -10.01 -5.86
C THR A 87 9.48 -11.34 -5.53
N LEU A 88 8.94 -12.02 -4.52
CA LEU A 88 9.44 -13.32 -4.13
C LEU A 88 9.30 -14.18 -5.34
N ALA A 89 8.22 -13.96 -6.11
CA ALA A 89 7.95 -14.70 -7.35
C ALA A 89 9.10 -14.58 -8.33
N ASP A 90 9.58 -13.35 -8.53
CA ASP A 90 10.71 -13.10 -9.39
C ASP A 90 12.09 -13.52 -8.99
N THR A 91 12.25 -13.58 -7.68
CA THR A 91 13.44 -14.02 -6.99
C THR A 91 13.50 -15.53 -7.08
N ILE A 92 12.36 -16.23 -6.93
CA ILE A 92 12.36 -17.68 -7.00
C ILE A 92 12.51 -18.06 -8.42
N SER A 93 11.79 -17.39 -9.34
CA SER A 93 12.03 -17.58 -10.76
C SER A 93 13.48 -17.62 -11.20
N VAL A 94 14.28 -16.70 -10.68
CA VAL A 94 15.66 -16.63 -11.06
C VAL A 94 16.45 -17.60 -10.18
N ILE A 95 16.24 -17.79 -8.89
CA ILE A 95 17.09 -18.71 -8.14
C ILE A 95 16.81 -20.13 -8.58
N SER A 96 15.61 -20.51 -8.98
CA SER A 96 15.40 -21.89 -9.41
C SER A 96 16.00 -22.18 -10.77
N THR A 97 16.59 -21.16 -11.33
CA THR A 97 17.35 -21.27 -12.53
C THR A 97 18.78 -21.59 -12.16
N TYR A 98 19.22 -21.49 -10.91
CA TYR A 98 20.60 -21.67 -10.46
C TYR A 98 20.84 -22.93 -9.65
N VAL A 99 19.98 -23.31 -8.68
CA VAL A 99 20.29 -24.38 -7.75
C VAL A 99 19.38 -25.57 -7.89
N ASP A 100 19.79 -26.63 -7.22
CA ASP A 100 19.11 -27.90 -7.26
C ASP A 100 18.03 -28.06 -6.26
N ALA A 101 17.95 -27.11 -5.31
CA ALA A 101 16.94 -27.12 -4.24
C ALA A 101 16.99 -25.79 -3.47
N ILE A 102 15.85 -25.34 -3.00
CA ILE A 102 15.80 -24.13 -2.22
C ILE A 102 15.25 -24.45 -0.83
N VAL A 103 16.02 -24.10 0.20
CA VAL A 103 15.47 -24.12 1.54
C VAL A 103 15.27 -22.64 1.88
N MET A 104 14.07 -22.20 2.28
CA MET A 104 13.92 -20.77 2.59
C MET A 104 13.19 -20.42 3.90
N ARG A 105 13.73 -19.56 4.76
CA ARG A 105 12.91 -19.07 5.84
C ARG A 105 12.44 -17.65 5.43
N HIS A 106 11.14 -17.35 5.60
CA HIS A 106 10.63 -16.05 5.21
C HIS A 106 9.65 -15.64 6.29
N PRO A 107 9.52 -14.32 6.56
CA PRO A 107 8.54 -13.77 7.46
C PRO A 107 7.05 -13.91 7.15
N GLN A 108 6.65 -14.19 5.91
CA GLN A 108 5.23 -14.11 5.59
C GLN A 108 4.69 -15.45 5.30
N GLU A 109 3.56 -15.66 5.97
CA GLU A 109 2.93 -16.92 5.77
C GLU A 109 2.44 -17.09 4.33
N GLY A 110 2.78 -18.28 3.87
CA GLY A 110 2.46 -18.74 2.54
C GLY A 110 3.64 -18.67 1.61
N ALA A 111 4.78 -18.21 2.07
CA ALA A 111 5.87 -17.95 1.18
C ALA A 111 6.47 -19.15 0.52
N ALA A 112 6.57 -20.33 1.15
CA ALA A 112 7.25 -21.43 0.48
C ALA A 112 6.37 -22.13 -0.58
N ARG A 113 5.05 -22.06 -0.34
CA ARG A 113 4.08 -22.60 -1.24
C ARG A 113 3.98 -21.65 -2.43
N LEU A 114 3.95 -20.34 -2.22
CA LEU A 114 4.07 -19.48 -3.36
C LEU A 114 5.38 -19.79 -4.16
N ALA A 115 6.51 -19.90 -3.44
CA ALA A 115 7.78 -20.27 -4.04
C ALA A 115 7.67 -21.47 -5.00
N THR A 116 6.85 -22.44 -4.64
CA THR A 116 6.57 -23.71 -5.30
C THR A 116 6.01 -23.54 -6.69
N GLU A 117 5.40 -22.40 -6.92
CA GLU A 117 4.80 -22.07 -8.19
C GLU A 117 5.75 -21.31 -9.07
N PHE A 118 6.99 -21.12 -8.65
CA PHE A 118 7.93 -20.38 -9.46
C PHE A 118 9.26 -21.09 -9.57
N SER A 119 9.40 -22.28 -8.92
CA SER A 119 10.68 -22.95 -8.89
C SER A 119 10.81 -24.04 -9.92
N GLY A 120 9.86 -24.12 -10.87
CA GLY A 120 9.93 -25.10 -11.95
C GLY A 120 9.92 -26.46 -11.31
N ASN A 121 10.88 -27.29 -11.65
CA ASN A 121 10.86 -28.48 -10.82
C ASN A 121 11.85 -28.67 -9.68
N VAL A 122 12.36 -27.50 -9.24
CA VAL A 122 13.30 -27.42 -8.14
C VAL A 122 12.40 -27.43 -6.90
N PRO A 123 12.51 -28.41 -6.02
CA PRO A 123 11.71 -28.45 -4.78
C PRO A 123 12.07 -27.30 -3.82
N VAL A 124 11.10 -26.90 -3.02
CA VAL A 124 11.41 -25.95 -1.96
C VAL A 124 11.02 -26.58 -0.62
N LEU A 125 11.83 -26.18 0.36
CA LEU A 125 11.77 -26.69 1.71
C LEU A 125 11.57 -25.56 2.68
N ASN A 126 10.43 -25.64 3.37
CA ASN A 126 10.00 -24.60 4.29
C ASN A 126 10.77 -24.69 5.60
N ALA A 127 11.56 -23.62 5.78
CA ALA A 127 12.31 -23.45 7.03
C ALA A 127 11.55 -22.54 8.06
N GLY A 128 10.34 -22.15 7.67
CA GLY A 128 9.44 -21.45 8.52
C GLY A 128 8.77 -20.35 7.70
N ASP A 129 7.45 -20.24 7.68
CA ASP A 129 6.88 -19.11 6.93
C ASP A 129 5.88 -18.52 7.86
N GLY A 130 6.25 -17.38 8.39
CA GLY A 130 5.41 -16.66 9.30
C GLY A 130 5.10 -17.50 10.51
N SER A 131 3.85 -17.42 10.89
CA SER A 131 3.33 -18.10 12.05
C SER A 131 2.78 -19.41 11.58
N ASN A 132 3.00 -19.83 10.32
CA ASN A 132 2.33 -20.97 9.78
C ASN A 132 3.00 -22.31 10.01
N GLN A 133 3.97 -22.63 9.16
CA GLN A 133 4.60 -23.92 9.14
C GLN A 133 6.11 -23.85 9.40
N HIS A 134 6.61 -25.00 9.82
CA HIS A 134 8.00 -25.26 10.11
C HIS A 134 8.21 -26.80 10.15
N PRO A 135 7.94 -27.51 9.05
CA PRO A 135 7.79 -28.95 9.12
C PRO A 135 9.04 -29.72 9.54
N THR A 136 10.15 -29.06 9.28
CA THR A 136 11.47 -29.53 9.61
C THR A 136 11.83 -29.66 11.05
N GLN A 137 11.41 -28.65 11.82
CA GLN A 137 11.46 -28.68 13.26
C GLN A 137 10.70 -29.92 13.75
N THR A 138 9.49 -30.11 13.20
CA THR A 138 8.62 -31.14 13.67
C THR A 138 9.15 -32.55 13.48
N LEU A 139 9.79 -32.70 12.32
CA LEU A 139 10.46 -33.92 12.03
C LEU A 139 11.55 -34.19 13.02
N LEU A 140 12.35 -33.23 13.46
CA LEU A 140 13.28 -33.59 14.52
C LEU A 140 12.63 -33.71 15.91
N ASP A 141 11.43 -33.18 16.15
CA ASP A 141 10.83 -33.32 17.44
C ASP A 141 10.26 -34.70 17.64
N LEU A 142 9.69 -35.24 16.56
CA LEU A 142 9.21 -36.60 16.44
C LEU A 142 10.40 -37.53 16.39
N PHE A 143 11.52 -37.27 15.70
CA PHE A 143 12.65 -38.18 15.84
C PHE A 143 13.18 -38.20 17.29
N THR A 144 13.07 -37.15 18.08
CA THR A 144 13.60 -37.16 19.42
C THR A 144 12.54 -37.82 20.23
N ILE A 145 11.23 -37.70 19.97
CA ILE A 145 10.26 -38.48 20.75
C ILE A 145 10.49 -39.98 20.47
N GLN A 146 10.43 -40.43 19.19
CA GLN A 146 10.68 -41.81 18.81
C GLN A 146 12.01 -42.25 19.39
N GLN A 147 13.06 -41.44 19.38
CA GLN A 147 14.35 -41.92 19.82
C GLN A 147 14.42 -41.97 21.31
N THR A 148 13.78 -41.17 22.14
CA THR A 148 13.93 -41.35 23.58
C THR A 148 12.91 -42.32 24.16
N GLU A 149 11.75 -42.35 23.51
CA GLU A 149 10.60 -43.13 23.93
C GLU A 149 10.36 -44.41 23.17
N GLY A 150 10.99 -44.67 22.05
CA GLY A 150 10.76 -45.94 21.38
C GLY A 150 9.52 -45.99 20.49
N ARG A 151 8.57 -45.06 20.68
CA ARG A 151 7.37 -45.04 19.85
C ARG A 151 6.89 -43.64 19.69
N LEU A 152 5.78 -43.53 18.92
CA LEU A 152 5.04 -42.28 18.65
C LEU A 152 3.53 -42.48 18.78
N ASP A 153 3.17 -43.61 19.36
CA ASP A 153 1.83 -44.06 19.62
C ASP A 153 1.77 -44.22 21.16
N ASN A 154 0.61 -43.90 21.70
CA ASN A 154 0.31 -44.06 23.10
C ASN A 154 1.26 -43.40 24.06
N LEU A 155 1.37 -42.10 23.81
CA LEU A 155 2.20 -41.25 24.64
C LEU A 155 1.33 -40.21 25.39
N HIS A 156 1.91 -39.71 26.50
CA HIS A 156 1.39 -38.67 27.39
C HIS A 156 2.37 -37.57 27.12
N VAL A 157 1.88 -36.57 26.40
CA VAL A 157 2.74 -35.49 25.97
C VAL A 157 2.09 -34.24 26.54
N ALA A 158 2.87 -33.43 27.24
CA ALA A 158 2.37 -32.13 27.65
C ALA A 158 2.95 -30.98 26.76
N MET A 159 2.12 -30.04 26.36
CA MET A 159 2.58 -28.80 25.73
C MET A 159 2.49 -27.68 26.75
N VAL A 160 3.60 -27.00 27.07
CA VAL A 160 3.57 -25.88 28.01
C VAL A 160 3.96 -24.57 27.34
N GLY A 161 3.38 -23.44 27.79
CA GLY A 161 3.78 -22.09 27.38
C GLY A 161 2.77 -21.36 26.52
N ASP A 162 3.22 -20.68 25.48
CA ASP A 162 2.34 -20.03 24.56
C ASP A 162 1.68 -21.04 23.62
N LEU A 163 0.59 -21.73 23.99
CA LEU A 163 0.07 -22.71 23.04
C LEU A 163 -0.77 -22.06 21.97
N LYS A 164 -0.94 -20.72 22.06
CA LYS A 164 -1.73 -19.94 21.10
C LYS A 164 -0.95 -19.49 19.85
N TYR A 165 0.18 -18.81 20.03
CA TYR A 165 0.91 -18.31 18.88
C TYR A 165 2.03 -19.25 18.42
N GLY A 166 2.43 -20.17 19.33
CA GLY A 166 3.41 -21.20 18.99
C GLY A 166 3.22 -22.05 17.71
N ARG A 167 3.86 -21.64 16.59
CA ARG A 167 3.96 -22.33 15.27
C ARG A 167 4.38 -23.82 15.42
N THR A 168 5.35 -24.08 16.33
CA THR A 168 5.79 -25.44 16.53
C THR A 168 4.82 -26.30 17.34
N VAL A 169 4.27 -25.79 18.43
CA VAL A 169 3.36 -26.63 19.19
C VAL A 169 2.07 -26.93 18.39
N HIS A 170 1.75 -26.12 17.38
CA HIS A 170 0.62 -26.45 16.54
C HIS A 170 0.91 -27.65 15.65
N SER A 171 2.04 -27.64 14.92
CA SER A 171 2.37 -28.68 13.96
C SER A 171 2.61 -29.98 14.62
N LEU A 172 3.26 -29.91 15.80
CA LEU A 172 3.58 -31.08 16.58
C LEU A 172 2.32 -31.84 17.02
N THR A 173 1.25 -31.11 17.31
CA THR A 173 -0.03 -31.73 17.65
C THR A 173 -0.62 -32.37 16.40
N GLN A 174 -0.66 -31.57 15.29
CA GLN A 174 -1.08 -32.05 14.00
C GLN A 174 -0.42 -33.43 13.76
N ALA A 175 0.90 -33.54 13.89
CA ALA A 175 1.60 -34.77 13.56
C ALA A 175 1.32 -35.92 14.51
N LEU A 176 1.29 -35.64 15.81
CA LEU A 176 1.11 -36.68 16.78
C LEU A 176 -0.29 -37.23 16.71
N ALA A 177 -1.25 -36.39 16.27
CA ALA A 177 -2.62 -36.77 15.97
C ALA A 177 -2.74 -37.62 14.68
N LYS A 178 -1.62 -38.21 14.24
CA LYS A 178 -1.67 -39.14 13.15
C LYS A 178 -1.20 -40.50 13.66
N PHE A 179 -0.99 -40.66 14.97
CA PHE A 179 -0.59 -41.95 15.53
C PHE A 179 -1.49 -42.25 16.70
N ASP A 180 -1.76 -43.52 16.96
CA ASP A 180 -2.75 -43.87 17.95
C ASP A 180 -2.35 -43.87 19.41
N GLY A 181 -3.30 -43.50 20.26
CA GLY A 181 -3.18 -43.61 21.71
C GLY A 181 -2.58 -42.43 22.43
N ASN A 182 -2.44 -41.29 21.78
CA ASN A 182 -1.83 -40.14 22.43
C ASN A 182 -2.84 -39.22 23.14
N ARG A 183 -2.45 -38.90 24.37
CA ARG A 183 -3.15 -38.09 25.34
C ARG A 183 -2.32 -36.80 25.38
N PHE A 184 -2.97 -35.63 25.35
CA PHE A 184 -2.35 -34.31 25.34
C PHE A 184 -2.70 -33.31 26.44
N TYR A 185 -1.73 -33.05 27.31
CA TYR A 185 -1.92 -32.11 28.43
C TYR A 185 -1.41 -30.80 27.97
N PHE A 186 -2.30 -29.83 28.04
CA PHE A 186 -2.03 -28.44 27.65
C PHE A 186 -1.93 -27.41 28.81
N ILE A 187 -0.70 -27.04 29.17
CA ILE A 187 -0.41 -26.15 30.26
C ILE A 187 0.11 -24.80 29.76
N ALA A 188 -0.82 -23.93 29.35
CA ALA A 188 -0.50 -22.57 28.87
C ALA A 188 -1.16 -21.57 29.78
N PRO A 189 -0.83 -20.27 29.77
CA PRO A 189 -1.70 -19.19 30.26
C PRO A 189 -2.99 -19.27 29.48
N ASP A 190 -4.18 -19.07 30.10
CA ASP A 190 -5.44 -19.19 29.35
C ASP A 190 -5.53 -18.08 28.29
N ALA A 191 -4.89 -16.97 28.64
CA ALA A 191 -4.60 -15.89 27.72
C ALA A 191 -3.86 -16.35 26.42
N LEU A 192 -3.07 -17.42 26.62
CA LEU A 192 -2.24 -18.00 25.57
C LEU A 192 -2.65 -19.44 25.38
N ALA A 193 -3.95 -19.69 25.42
CA ALA A 193 -4.44 -21.05 25.27
C ALA A 193 -4.49 -21.60 23.85
N MET A 194 -4.51 -22.93 23.82
CA MET A 194 -4.51 -23.64 22.55
C MET A 194 -5.72 -23.19 21.76
N PRO A 195 -5.54 -22.90 20.47
CA PRO A 195 -6.66 -22.54 19.62
C PRO A 195 -7.73 -23.65 19.57
N GLU A 196 -8.94 -23.13 19.33
CA GLU A 196 -10.10 -23.99 19.16
C GLU A 196 -9.97 -24.97 18.02
N TYR A 197 -9.49 -24.51 16.87
CA TYR A 197 -9.43 -25.42 15.74
C TYR A 197 -8.63 -26.69 16.01
N ILE A 198 -7.49 -26.51 16.70
CA ILE A 198 -6.65 -27.67 16.98
C ILE A 198 -7.46 -28.62 17.85
N LEU A 199 -8.16 -28.12 18.89
CA LEU A 199 -9.04 -28.94 19.74
C LEU A 199 -10.26 -29.54 19.01
N ASP A 200 -10.80 -28.84 18.03
CA ASP A 200 -11.88 -29.38 17.26
C ASP A 200 -11.39 -30.58 16.47
N MET A 201 -10.24 -30.41 15.78
CA MET A 201 -9.61 -31.50 15.07
C MET A 201 -9.39 -32.73 15.95
N LEU A 202 -8.84 -32.45 17.15
CA LEU A 202 -8.53 -33.47 18.12
C LEU A 202 -9.79 -34.18 18.61
N ASP A 203 -10.91 -33.41 18.72
CA ASP A 203 -12.19 -34.02 19.12
C ASP A 203 -12.71 -34.97 18.08
N GLU A 204 -12.53 -34.61 16.80
CA GLU A 204 -12.92 -35.45 15.68
C GLU A 204 -12.36 -36.89 15.74
N LYS A 205 -11.03 -37.01 15.97
CA LYS A 205 -10.36 -38.30 15.96
C LYS A 205 -10.45 -38.96 17.31
N GLY A 206 -11.25 -38.46 18.23
CA GLY A 206 -11.41 -39.11 19.51
C GLY A 206 -10.17 -39.17 20.35
N ILE A 207 -9.26 -38.23 20.11
CA ILE A 207 -7.99 -38.14 20.82
C ILE A 207 -8.16 -37.42 22.14
N ALA A 208 -7.70 -37.94 23.25
CA ALA A 208 -7.83 -37.20 24.51
C ALA A 208 -6.85 -36.03 24.86
N TRP A 209 -7.36 -34.80 25.02
CA TRP A 209 -6.58 -33.64 25.47
C TRP A 209 -7.05 -33.08 26.83
N SER A 210 -6.40 -32.18 27.55
CA SER A 210 -7.00 -31.46 28.69
C SER A 210 -6.12 -30.27 29.05
N LEU A 211 -6.82 -29.24 29.49
CA LEU A 211 -6.18 -27.99 29.93
C LEU A 211 -5.59 -28.27 31.28
N HIS A 212 -4.55 -27.59 31.71
CA HIS A 212 -3.92 -27.84 32.99
C HIS A 212 -3.35 -26.53 33.48
N SER A 213 -2.94 -26.41 34.72
CA SER A 213 -2.48 -25.09 35.14
C SER A 213 -1.18 -25.09 35.88
N SER A 214 -0.78 -26.22 36.39
CA SER A 214 0.53 -26.34 36.96
C SER A 214 1.25 -27.38 36.10
N ILE A 215 2.52 -27.27 35.75
CA ILE A 215 3.29 -28.38 35.18
C ILE A 215 3.23 -29.45 36.28
N GLU A 216 3.37 -29.02 37.55
CA GLU A 216 3.25 -29.93 38.69
C GLU A 216 1.92 -30.68 38.70
N GLU A 217 0.89 -30.18 38.04
CA GLU A 217 -0.35 -30.91 37.94
C GLU A 217 -0.28 -32.20 37.14
N VAL A 218 0.77 -32.39 36.33
CA VAL A 218 0.85 -33.59 35.49
C VAL A 218 2.21 -34.21 35.39
N MET A 219 3.16 -33.61 36.08
CA MET A 219 4.57 -33.99 36.08
C MET A 219 4.91 -35.37 36.60
N ALA A 220 3.93 -36.30 36.56
CA ALA A 220 3.97 -37.65 37.11
C ALA A 220 3.28 -38.57 36.12
N GLU A 221 2.58 -38.01 35.15
CA GLU A 221 1.91 -38.74 34.11
C GLU A 221 2.68 -38.78 32.81
N VAL A 222 3.39 -37.68 32.56
CA VAL A 222 4.04 -37.34 31.28
C VAL A 222 5.34 -38.03 30.85
N ASP A 223 5.39 -38.33 29.56
CA ASP A 223 6.61 -38.90 29.02
C ASP A 223 7.41 -37.80 28.30
N ILE A 224 6.74 -36.82 27.70
CA ILE A 224 7.36 -35.74 26.92
C ILE A 224 6.84 -34.51 27.59
N LEU A 225 7.74 -33.58 27.86
CA LEU A 225 7.34 -32.26 28.34
C LEU A 225 7.87 -31.28 27.30
N TYR A 226 7.00 -30.87 26.38
CA TYR A 226 7.39 -29.91 25.37
C TYR A 226 7.20 -28.51 25.99
N MET A 227 8.32 -27.78 25.94
CA MET A 227 8.48 -26.49 26.55
C MET A 227 8.65 -25.41 25.53
N THR A 228 7.70 -24.50 25.55
CA THR A 228 7.84 -23.44 24.62
C THR A 228 8.01 -22.11 25.26
N ARG A 229 8.71 -21.35 24.42
CA ARG A 229 9.09 -19.96 24.61
C ARG A 229 7.90 -19.00 24.61
N VAL A 230 7.78 -18.35 25.76
CA VAL A 230 6.84 -17.25 25.82
C VAL A 230 7.60 -16.01 25.28
N GLN A 231 6.94 -15.00 24.72
CA GLN A 231 7.67 -13.84 24.25
C GLN A 231 7.03 -12.75 25.10
N LYS A 232 7.90 -12.13 25.91
CA LYS A 232 7.63 -10.97 26.77
C LYS A 232 6.63 -9.98 26.20
N GLU A 233 7.02 -9.48 25.04
CA GLU A 233 6.33 -8.41 24.35
C GLU A 233 4.84 -8.53 24.21
N ARG A 234 4.36 -9.73 24.11
CA ARG A 234 2.95 -9.91 23.90
C ARG A 234 2.14 -9.59 25.17
N LEU A 235 2.66 -9.94 26.34
CA LEU A 235 1.90 -9.83 27.57
C LEU A 235 2.31 -8.59 28.35
N ASP A 236 1.51 -8.10 29.30
CA ASP A 236 1.95 -6.93 30.06
C ASP A 236 3.03 -7.42 31.04
N PRO A 237 4.14 -6.71 31.25
CA PRO A 237 5.09 -6.96 32.34
C PRO A 237 4.50 -7.40 33.66
N SER A 238 3.42 -6.76 34.13
CA SER A 238 2.83 -7.18 35.39
C SER A 238 1.92 -8.37 35.23
N GLU A 239 1.49 -8.59 33.98
CA GLU A 239 0.70 -9.75 33.61
C GLU A 239 1.56 -11.03 33.62
N TYR A 240 2.64 -11.05 32.84
CA TYR A 240 3.57 -12.15 32.78
C TYR A 240 4.18 -12.43 34.15
N ALA A 241 4.73 -11.42 34.83
CA ALA A 241 5.41 -11.61 36.11
C ALA A 241 4.52 -12.09 37.25
N ASN A 242 3.23 -12.35 36.99
CA ASN A 242 2.31 -12.76 38.02
C ASN A 242 2.20 -14.28 38.17
N VAL A 243 0.98 -14.83 38.08
CA VAL A 243 0.68 -16.27 38.06
C VAL A 243 1.35 -17.29 39.01
N LYS A 244 1.27 -17.01 40.34
CA LYS A 244 1.66 -17.91 41.44
C LYS A 244 3.07 -18.48 41.51
N ALA A 245 3.46 -19.33 40.55
CA ALA A 245 4.77 -20.00 40.42
C ALA A 245 5.22 -20.09 38.94
N GLN A 246 4.47 -19.38 38.08
CA GLN A 246 4.62 -19.34 36.64
C GLN A 246 4.58 -20.72 35.94
N PHE A 247 4.93 -20.73 34.64
CA PHE A 247 4.96 -21.94 33.81
C PHE A 247 6.45 -22.12 33.45
N VAL A 248 7.36 -22.07 34.40
CA VAL A 248 8.76 -22.28 34.12
C VAL A 248 9.12 -23.65 34.68
N LEU A 249 10.27 -24.24 34.36
CA LEU A 249 10.64 -25.51 34.93
C LEU A 249 11.95 -25.34 35.71
N ARG A 250 12.02 -25.94 36.90
CA ARG A 250 13.18 -25.85 37.81
C ARG A 250 13.45 -27.32 38.13
N ALA A 251 14.63 -27.78 38.49
CA ALA A 251 14.91 -29.21 38.63
C ALA A 251 14.06 -29.90 39.68
N SER A 252 13.73 -29.18 40.76
CA SER A 252 12.88 -29.59 41.89
C SER A 252 11.61 -30.28 41.46
N ASP A 253 11.13 -29.76 40.34
CA ASP A 253 9.88 -30.17 39.77
C ASP A 253 9.97 -31.57 39.22
N LEU A 254 11.14 -31.81 38.62
CA LEU A 254 11.44 -33.10 38.06
C LEU A 254 11.54 -34.27 39.05
N HIS A 255 11.37 -33.96 40.35
CA HIS A 255 11.44 -34.97 41.38
C HIS A 255 10.42 -36.07 41.35
N ASN A 256 9.27 -35.96 40.69
CA ASN A 256 8.34 -37.11 40.68
C ASN A 256 8.06 -37.64 39.28
N ALA A 257 8.99 -37.18 38.42
CA ALA A 257 8.94 -37.41 36.99
C ALA A 257 9.21 -38.86 36.70
N LYS A 258 8.59 -39.38 35.65
CA LYS A 258 8.93 -40.74 35.24
C LYS A 258 10.38 -40.75 34.82
N ALA A 259 11.03 -41.88 34.95
CA ALA A 259 12.43 -42.00 34.58
C ALA A 259 12.58 -41.66 33.11
N ASN A 260 11.81 -42.33 32.27
CA ASN A 260 11.80 -42.09 30.83
C ASN A 260 11.43 -40.65 30.35
N MET A 261 10.92 -39.77 31.23
CA MET A 261 10.54 -38.47 30.78
C MET A 261 11.70 -37.60 30.23
N LYS A 262 11.37 -36.90 29.14
CA LYS A 262 12.32 -36.00 28.53
C LYS A 262 11.64 -34.64 28.37
N VAL A 263 12.43 -33.63 28.74
CA VAL A 263 12.09 -32.21 28.53
C VAL A 263 12.78 -31.73 27.23
N LEU A 264 11.89 -31.25 26.38
CA LEU A 264 12.22 -30.79 25.04
C LEU A 264 11.89 -29.32 24.93
N HIS A 265 12.68 -28.60 24.17
CA HIS A 265 12.39 -27.23 23.90
C HIS A 265 12.81 -26.99 22.47
N PRO A 266 12.03 -26.32 21.56
CA PRO A 266 12.42 -26.05 20.16
C PRO A 266 13.66 -25.14 19.98
N LEU A 267 14.07 -24.52 21.10
CA LEU A 267 15.06 -23.45 21.25
C LEU A 267 14.86 -22.17 20.41
N PRO A 268 15.33 -20.94 20.71
CA PRO A 268 15.83 -20.44 22.00
C PRO A 268 14.96 -20.37 23.26
N ARG A 269 15.70 -20.38 24.37
CA ARG A 269 15.13 -20.20 25.68
C ARG A 269 15.68 -18.93 26.31
N VAL A 270 15.03 -18.46 27.33
CA VAL A 270 15.52 -17.36 28.10
C VAL A 270 15.18 -17.77 29.53
N ASP A 271 14.04 -17.65 30.21
CA ASP A 271 14.02 -17.98 31.65
C ASP A 271 13.39 -19.33 31.87
N GLU A 272 12.43 -19.70 31.03
CA GLU A 272 11.59 -20.89 31.14
C GLU A 272 12.14 -22.24 31.53
N ILE A 273 13.38 -22.64 31.28
CA ILE A 273 13.85 -23.91 31.79
C ILE A 273 15.03 -23.41 32.56
N ALA A 274 15.06 -23.46 33.86
CA ALA A 274 16.21 -23.04 34.61
C ALA A 274 17.50 -23.81 34.31
N THR A 275 18.68 -23.25 34.39
CA THR A 275 19.93 -23.95 34.24
C THR A 275 20.17 -25.20 35.04
N ASP A 276 19.39 -25.38 36.10
CA ASP A 276 19.54 -26.55 36.92
C ASP A 276 18.83 -27.70 36.26
N VAL A 277 17.94 -27.46 35.32
CA VAL A 277 17.25 -28.55 34.66
C VAL A 277 18.25 -29.29 33.74
N ASP A 278 19.28 -28.52 33.45
CA ASP A 278 20.28 -28.90 32.52
C ASP A 278 21.10 -30.04 32.95
N LYS A 279 21.69 -30.05 34.14
CA LYS A 279 22.45 -31.23 34.39
C LYS A 279 21.56 -32.38 34.86
N THR A 280 20.23 -32.36 34.74
CA THR A 280 19.42 -33.50 35.13
C THR A 280 19.42 -34.42 33.90
N PRO A 281 19.19 -35.70 34.06
CA PRO A 281 19.11 -36.62 32.94
C PRO A 281 17.82 -36.49 32.10
N HIS A 282 16.89 -35.63 32.54
CA HIS A 282 15.67 -35.45 31.79
C HIS A 282 15.84 -34.43 30.64
N ALA A 283 16.86 -33.58 30.82
CA ALA A 283 17.14 -32.44 29.92
C ALA A 283 17.50 -32.95 28.52
N TRP A 284 16.73 -32.56 27.50
CA TRP A 284 17.07 -33.17 26.23
C TRP A 284 17.01 -32.28 25.02
N TYR A 285 16.78 -31.02 25.21
CA TYR A 285 16.75 -30.01 24.15
C TYR A 285 18.07 -29.79 23.38
N PHE A 286 19.28 -29.80 23.97
CA PHE A 286 20.48 -29.68 23.13
C PHE A 286 20.66 -30.94 22.29
N GLN A 287 20.24 -32.06 22.77
CA GLN A 287 20.18 -33.29 22.02
C GLN A 287 19.26 -33.21 20.82
N GLN A 288 18.02 -32.80 21.07
CA GLN A 288 17.00 -32.54 20.10
C GLN A 288 17.61 -31.62 19.01
N ALA A 289 18.19 -30.47 19.41
CA ALA A 289 18.96 -29.55 18.55
C ALA A 289 19.97 -30.24 17.61
N GLY A 290 20.78 -31.14 18.20
CA GLY A 290 21.61 -32.07 17.47
C GLY A 290 20.86 -32.98 16.47
N ASN A 291 19.72 -33.56 16.88
CA ASN A 291 18.95 -34.37 16.00
C ASN A 291 18.41 -33.65 14.76
N GLY A 292 18.38 -32.29 14.84
CA GLY A 292 18.10 -31.45 13.68
C GLY A 292 19.00 -31.84 12.51
N ILE A 293 20.26 -32.23 12.73
CA ILE A 293 21.12 -32.56 11.62
C ILE A 293 20.68 -33.79 10.80
N PHE A 294 20.33 -34.87 11.48
CA PHE A 294 20.10 -36.10 10.76
C PHE A 294 18.73 -36.20 10.11
N ALA A 295 17.79 -35.53 10.77
CA ALA A 295 16.44 -35.37 10.33
C ALA A 295 16.49 -34.51 9.08
N ARG A 296 17.26 -33.39 9.17
CA ARG A 296 17.49 -32.49 8.04
C ARG A 296 18.18 -33.20 6.87
N GLN A 297 19.13 -34.07 7.18
CA GLN A 297 19.85 -34.86 6.26
C GLN A 297 18.93 -35.80 5.51
N ALA A 298 18.15 -36.54 6.32
CA ALA A 298 17.11 -37.42 5.83
C ALA A 298 16.23 -36.74 4.74
N LEU A 299 15.76 -35.53 4.97
CA LEU A 299 14.89 -34.88 4.03
C LEU A 299 15.53 -34.49 2.71
N LEU A 300 16.79 -34.07 2.76
CA LEU A 300 17.52 -33.67 1.58
C LEU A 300 17.96 -34.91 0.85
N ALA A 301 18.20 -35.97 1.62
CA ALA A 301 18.51 -37.23 1.00
C ALA A 301 17.31 -37.72 0.19
N LEU A 302 16.11 -37.84 0.80
CA LEU A 302 14.89 -38.27 0.14
C LEU A 302 14.40 -37.33 -0.95
N VAL A 303 14.36 -36.01 -0.80
CA VAL A 303 13.89 -35.13 -1.84
C VAL A 303 14.82 -35.16 -3.03
N LEU A 304 16.12 -35.25 -2.80
CA LEU A 304 17.07 -35.22 -3.90
C LEU A 304 17.60 -36.56 -4.31
N ASN A 305 17.18 -37.69 -3.77
CA ASN A 305 17.69 -38.93 -4.27
C ASN A 305 16.54 -39.81 -4.61
N ARG A 306 16.58 -40.29 -5.87
CA ARG A 306 15.59 -41.20 -6.45
C ARG A 306 15.27 -42.32 -5.48
N ASP A 307 16.18 -43.14 -4.94
CA ASP A 307 15.84 -44.07 -3.87
C ASP A 307 17.10 -44.05 -3.08
N LEU A 308 16.96 -44.12 -1.77
CA LEU A 308 18.11 -44.12 -0.88
C LEU A 308 18.20 -45.59 -0.60
N VAL A 309 19.31 -46.24 -0.94
CA VAL A 309 19.39 -47.65 -0.56
C VAL A 309 20.55 -47.72 0.44
N LEU A 310 20.07 -47.16 1.54
CA LEU A 310 20.67 -47.12 2.84
C LEU A 310 19.50 -47.69 3.67
N GLY B 8 -40.20 -9.28 -15.47
CA GLY B 8 -39.36 -10.14 -16.28
C GLY B 8 -39.13 -9.48 -17.65
N VAL B 9 -38.44 -10.18 -18.55
CA VAL B 9 -38.11 -9.78 -19.91
C VAL B 9 -38.16 -11.14 -20.65
N GLU B 10 -38.43 -11.24 -21.97
CA GLU B 10 -38.47 -12.56 -22.62
C GLU B 10 -37.36 -12.87 -23.63
N ALA B 11 -37.64 -13.96 -24.37
CA ALA B 11 -36.79 -14.72 -25.28
C ALA B 11 -35.54 -14.34 -26.06
N ILE B 12 -34.56 -15.19 -25.76
CA ILE B 12 -33.30 -15.22 -26.49
C ILE B 12 -33.33 -16.65 -27.05
N LYS B 13 -32.28 -17.03 -27.78
CA LYS B 13 -32.06 -18.40 -28.20
C LYS B 13 -30.55 -18.56 -28.08
N ARG B 14 -30.24 -19.80 -27.65
CA ARG B 14 -28.91 -20.33 -27.36
C ARG B 14 -28.06 -19.33 -26.59
N GLY B 15 -28.25 -19.37 -25.27
CA GLY B 15 -27.53 -18.53 -24.34
C GLY B 15 -27.84 -18.99 -22.93
N THR B 16 -27.20 -18.41 -21.93
CA THR B 16 -27.53 -18.75 -20.55
C THR B 16 -28.37 -17.61 -20.05
N VAL B 17 -29.28 -17.94 -19.13
CA VAL B 17 -30.06 -16.95 -18.40
C VAL B 17 -29.97 -17.31 -16.91
N ILE B 18 -29.37 -16.46 -16.07
CA ILE B 18 -29.33 -16.77 -14.65
C ILE B 18 -30.40 -15.89 -14.04
N ASP B 19 -31.37 -16.59 -13.46
CA ASP B 19 -32.49 -15.98 -12.83
C ASP B 19 -32.43 -16.20 -11.30
N HIS B 20 -33.22 -15.32 -10.69
CA HIS B 20 -33.28 -14.98 -9.28
C HIS B 20 -31.96 -15.04 -8.60
N ILE B 21 -31.38 -13.93 -9.01
CA ILE B 21 -30.22 -13.43 -8.34
C ILE B 21 -30.96 -12.72 -7.18
N PRO B 22 -30.39 -12.60 -5.97
CA PRO B 22 -30.98 -11.80 -4.92
C PRO B 22 -31.53 -10.41 -5.22
N ALA B 23 -30.71 -9.39 -5.52
CA ALA B 23 -31.12 -7.97 -5.67
C ALA B 23 -29.92 -7.33 -5.02
N GLN B 24 -29.29 -6.31 -5.62
CA GLN B 24 -28.00 -5.77 -5.17
C GLN B 24 -26.86 -6.83 -5.20
N ILE B 25 -27.11 -7.94 -5.91
CA ILE B 25 -26.14 -9.02 -6.11
C ILE B 25 -25.79 -9.25 -7.58
N GLY B 26 -26.73 -8.98 -8.49
CA GLY B 26 -26.58 -9.24 -9.92
C GLY B 26 -25.41 -8.49 -10.53
N PHE B 27 -25.24 -7.22 -10.13
CA PHE B 27 -24.10 -6.45 -10.56
C PHE B 27 -22.77 -7.04 -10.08
N LYS B 28 -22.69 -7.37 -8.77
CA LYS B 28 -21.51 -7.99 -8.18
C LYS B 28 -21.07 -9.20 -8.99
N LEU B 29 -22.04 -10.06 -9.38
CA LEU B 29 -21.75 -11.19 -10.24
C LEU B 29 -21.21 -10.72 -11.62
N LEU B 30 -21.79 -9.65 -12.20
CA LEU B 30 -21.27 -9.05 -13.41
C LEU B 30 -19.84 -8.57 -13.19
N SER B 31 -19.51 -7.96 -12.04
CA SER B 31 -18.17 -7.46 -11.74
C SER B 31 -17.13 -8.55 -11.42
N LEU B 32 -17.38 -9.26 -10.31
CA LEU B 32 -16.53 -10.31 -9.81
C LEU B 32 -16.14 -11.27 -10.92
N PHE B 33 -17.21 -11.89 -11.47
CA PHE B 33 -17.00 -12.92 -12.45
C PHE B 33 -16.81 -12.36 -13.82
N LYS B 34 -16.57 -11.07 -14.01
CA LYS B 34 -16.17 -10.58 -15.32
C LYS B 34 -16.92 -11.07 -16.56
N LEU B 35 -18.23 -11.35 -16.39
CA LEU B 35 -19.16 -11.87 -17.40
C LEU B 35 -19.45 -10.94 -18.60
N THR B 36 -19.29 -9.70 -18.23
CA THR B 36 -19.44 -8.57 -19.09
C THR B 36 -18.42 -8.50 -20.20
N GLU B 37 -17.22 -9.04 -20.03
CA GLU B 37 -16.20 -8.80 -21.03
C GLU B 37 -16.39 -9.83 -22.12
N THR B 38 -17.33 -9.45 -23.01
CA THR B 38 -17.85 -10.35 -24.01
C THR B 38 -18.20 -9.50 -25.20
N ASP B 39 -18.34 -10.24 -26.31
CA ASP B 39 -18.83 -9.73 -27.57
C ASP B 39 -20.31 -9.93 -27.76
N GLN B 40 -20.93 -11.00 -27.22
CA GLN B 40 -22.36 -11.27 -27.43
C GLN B 40 -23.28 -10.44 -26.56
N ARG B 41 -24.50 -10.28 -27.03
CA ARG B 41 -25.49 -9.49 -26.31
C ARG B 41 -25.73 -10.09 -24.93
N ILE B 42 -25.59 -9.18 -23.98
CA ILE B 42 -25.93 -9.45 -22.62
C ILE B 42 -27.08 -8.47 -22.34
N THR B 43 -28.04 -8.97 -21.58
CA THR B 43 -29.10 -8.13 -21.11
C THR B 43 -29.26 -8.42 -19.63
N ILE B 44 -29.41 -7.34 -18.85
CA ILE B 44 -29.51 -7.44 -17.40
C ILE B 44 -30.74 -6.65 -17.01
N GLY B 45 -31.56 -7.33 -16.21
CA GLY B 45 -32.71 -6.74 -15.61
C GLY B 45 -32.30 -6.62 -14.16
N LEU B 46 -32.40 -5.47 -13.55
CA LEU B 46 -32.09 -5.36 -12.14
C LEU B 46 -33.35 -4.83 -11.55
N ASN B 47 -33.70 -5.44 -10.41
CA ASN B 47 -34.86 -5.08 -9.61
C ASN B 47 -36.16 -5.30 -10.40
N LEU B 48 -36.34 -6.58 -10.74
CA LEU B 48 -37.51 -7.05 -11.48
C LEU B 48 -38.44 -7.79 -10.53
N PRO B 49 -39.63 -8.25 -10.92
CA PRO B 49 -40.11 -9.62 -10.59
C PRO B 49 -40.51 -10.56 -11.77
N SER B 50 -40.54 -11.89 -11.56
CA SER B 50 -40.97 -12.98 -12.46
C SER B 50 -40.46 -14.35 -11.96
N GLY B 51 -40.96 -14.76 -10.80
CA GLY B 51 -40.46 -15.91 -10.06
C GLY B 51 -40.30 -15.36 -8.64
N GLU B 52 -40.69 -16.10 -7.60
CA GLU B 52 -40.73 -15.57 -6.23
C GLU B 52 -39.52 -15.12 -5.37
N MET B 53 -39.92 -14.66 -4.18
CA MET B 53 -39.16 -14.05 -3.09
C MET B 53 -38.97 -12.56 -3.35
N GLY B 54 -39.94 -11.93 -4.03
CA GLY B 54 -39.98 -10.47 -4.22
C GLY B 54 -38.92 -9.76 -5.08
N ARG B 55 -37.67 -9.70 -4.62
CA ARG B 55 -36.62 -8.99 -5.32
C ARG B 55 -35.68 -9.92 -6.09
N LYS B 56 -35.35 -9.58 -7.35
CA LYS B 56 -34.36 -10.29 -8.16
C LYS B 56 -33.78 -9.50 -9.36
N ASP B 57 -32.49 -9.67 -9.58
CA ASP B 57 -31.88 -9.17 -10.81
C ASP B 57 -31.93 -10.38 -11.73
N LEU B 58 -31.68 -10.26 -13.02
CA LEU B 58 -31.69 -11.35 -13.96
C LEU B 58 -30.62 -11.03 -15.01
N ILE B 59 -29.85 -11.99 -15.52
CA ILE B 59 -28.80 -11.71 -16.48
C ILE B 59 -28.90 -12.70 -17.64
N LYS B 60 -28.85 -12.29 -18.89
CA LYS B 60 -28.93 -13.21 -20.01
C LYS B 60 -27.69 -12.97 -20.87
N ILE B 61 -26.88 -13.99 -21.16
CA ILE B 61 -25.70 -13.80 -22.02
C ILE B 61 -25.91 -14.74 -23.18
N GLU B 62 -26.10 -14.19 -24.36
CA GLU B 62 -26.43 -15.05 -25.46
C GLU B 62 -25.18 -15.67 -26.02
N ASN B 63 -25.42 -16.85 -26.58
CA ASN B 63 -24.43 -17.71 -27.23
C ASN B 63 -23.29 -18.09 -26.31
N THR B 64 -23.54 -18.08 -24.99
CA THR B 64 -22.58 -18.42 -23.96
C THR B 64 -23.23 -19.44 -23.03
N PHE B 65 -22.46 -20.43 -22.53
CA PHE B 65 -22.93 -21.42 -21.56
C PHE B 65 -21.95 -21.60 -20.41
N LEU B 66 -22.42 -21.39 -19.18
CA LEU B 66 -21.56 -21.37 -17.99
C LEU B 66 -21.22 -22.74 -17.46
N SER B 67 -20.58 -23.48 -18.33
CA SER B 67 -20.30 -24.83 -18.01
C SER B 67 -19.60 -25.21 -16.70
N GLU B 68 -20.60 -25.78 -16.06
CA GLU B 68 -20.52 -26.58 -14.87
C GLU B 68 -19.79 -26.04 -13.67
N ASP B 69 -18.47 -25.91 -13.51
CA ASP B 69 -17.97 -25.43 -12.23
C ASP B 69 -18.08 -23.92 -12.11
N GLN B 70 -18.32 -23.27 -13.26
CA GLN B 70 -18.63 -21.85 -13.35
C GLN B 70 -19.99 -21.57 -12.71
N VAL B 71 -20.99 -22.46 -12.85
CA VAL B 71 -22.24 -22.27 -12.14
C VAL B 71 -21.97 -22.43 -10.64
N ASP B 72 -21.25 -23.42 -10.18
CA ASP B 72 -21.04 -23.58 -8.73
C ASP B 72 -20.38 -22.40 -8.05
N GLN B 73 -19.50 -21.73 -8.78
CA GLN B 73 -18.83 -20.56 -8.29
C GLN B 73 -19.82 -19.47 -7.93
N LEU B 74 -21.07 -19.51 -8.39
CA LEU B 74 -22.11 -18.56 -7.97
C LEU B 74 -22.72 -18.81 -6.58
N ALA B 75 -22.67 -20.07 -6.10
CA ALA B 75 -23.30 -20.51 -4.85
C ALA B 75 -23.13 -19.63 -3.61
N LEU B 76 -21.95 -19.10 -3.31
CA LEU B 76 -21.83 -18.19 -2.17
C LEU B 76 -22.60 -16.90 -2.34
N TYR B 77 -22.86 -16.47 -3.59
CA TYR B 77 -23.57 -15.21 -3.76
C TYR B 77 -25.01 -15.35 -4.17
N ALA B 78 -25.29 -16.31 -5.02
CA ALA B 78 -26.65 -16.54 -5.40
C ALA B 78 -26.88 -18.02 -5.24
N PRO B 79 -26.90 -18.65 -4.04
CA PRO B 79 -27.11 -20.09 -3.84
C PRO B 79 -28.45 -20.65 -4.30
N GLN B 80 -29.47 -19.83 -4.42
CA GLN B 80 -30.74 -20.31 -4.91
C GLN B 80 -30.98 -19.74 -6.30
N ALA B 81 -29.92 -19.34 -6.99
CA ALA B 81 -30.09 -18.87 -8.35
C ALA B 81 -30.42 -20.07 -9.23
N THR B 82 -31.13 -19.87 -10.35
CA THR B 82 -31.37 -20.94 -11.29
C THR B 82 -30.67 -20.52 -12.58
N VAL B 83 -29.87 -21.40 -13.16
CA VAL B 83 -29.07 -21.08 -14.35
C VAL B 83 -29.69 -21.85 -15.50
N ASN B 84 -30.19 -21.17 -16.54
CA ASN B 84 -30.88 -21.87 -17.63
C ASN B 84 -30.09 -21.85 -18.89
N ARG B 85 -29.99 -23.04 -19.46
CA ARG B 85 -29.28 -23.31 -20.72
C ARG B 85 -30.46 -23.23 -21.70
N ILE B 86 -30.30 -22.35 -22.68
CA ILE B 86 -31.35 -22.07 -23.64
C ILE B 86 -30.79 -22.37 -24.99
N ASP B 87 -31.64 -23.00 -25.80
CA ASP B 87 -31.33 -23.24 -27.18
C ASP B 87 -32.65 -23.24 -27.94
N ASN B 88 -32.55 -22.37 -28.97
CA ASN B 88 -33.63 -22.08 -29.89
C ASN B 88 -34.94 -21.83 -29.12
N TYR B 89 -34.90 -20.78 -28.30
CA TYR B 89 -36.02 -20.32 -27.48
C TYR B 89 -36.49 -21.28 -26.39
N GLU B 90 -35.86 -22.43 -26.18
CA GLU B 90 -36.26 -23.28 -25.07
C GLU B 90 -35.17 -23.78 -24.15
N VAL B 91 -35.62 -23.85 -22.90
CA VAL B 91 -34.78 -24.26 -21.79
C VAL B 91 -34.44 -25.74 -21.93
N VAL B 92 -33.26 -25.97 -22.48
CA VAL B 92 -32.79 -27.33 -22.67
C VAL B 92 -32.25 -27.91 -21.35
N GLY B 93 -32.07 -27.10 -20.31
CA GLY B 93 -31.58 -27.55 -19.03
C GLY B 93 -31.62 -26.42 -18.02
N LYS B 94 -31.67 -26.75 -16.73
CA LYS B 94 -31.69 -25.80 -15.64
C LYS B 94 -30.87 -26.39 -14.51
N SER B 95 -29.94 -25.66 -13.90
CA SER B 95 -29.24 -26.17 -12.74
C SER B 95 -29.16 -25.06 -11.74
N ARG B 96 -29.19 -25.39 -10.46
CA ARG B 96 -28.98 -24.41 -9.41
C ARG B 96 -27.46 -24.48 -9.11
N PRO B 97 -26.80 -23.51 -8.47
CA PRO B 97 -25.42 -23.69 -7.99
C PRO B 97 -25.27 -24.57 -6.74
N SER B 98 -24.15 -25.26 -6.71
CA SER B 98 -23.82 -26.06 -5.56
C SER B 98 -22.47 -25.57 -5.11
N LEU B 99 -22.22 -25.89 -3.85
CA LEU B 99 -21.01 -25.45 -3.23
C LEU B 99 -19.75 -26.10 -3.84
N PRO B 100 -18.84 -25.30 -4.35
CA PRO B 100 -17.63 -25.77 -4.97
C PRO B 100 -16.60 -26.18 -3.94
N GLU B 101 -15.64 -27.03 -4.29
CA GLU B 101 -14.60 -27.37 -3.34
C GLU B 101 -13.61 -26.25 -3.14
N ARG B 102 -13.57 -25.31 -4.08
CA ARG B 102 -12.60 -24.28 -4.00
C ARG B 102 -13.08 -23.05 -4.74
N ILE B 103 -12.90 -21.87 -4.14
CA ILE B 103 -13.24 -20.62 -4.76
C ILE B 103 -11.94 -19.94 -5.05
N ASP B 104 -11.86 -19.62 -6.34
CA ASP B 104 -10.71 -18.94 -6.89
C ASP B 104 -10.95 -17.53 -7.39
N ASN B 105 -9.83 -16.80 -7.42
CA ASN B 105 -9.70 -15.45 -7.96
C ASN B 105 -10.46 -14.27 -7.41
N VAL B 106 -11.58 -14.41 -6.76
CA VAL B 106 -12.37 -13.28 -6.39
C VAL B 106 -12.26 -12.87 -4.92
N LEU B 107 -11.73 -13.72 -4.02
CA LEU B 107 -11.68 -13.38 -2.62
C LEU B 107 -10.29 -12.90 -2.27
N VAL B 108 -10.17 -12.29 -1.10
CA VAL B 108 -8.94 -11.71 -0.61
C VAL B 108 -8.74 -12.29 0.75
N CYS B 109 -7.52 -12.73 0.98
CA CYS B 109 -7.22 -13.28 2.27
C CYS B 109 -7.29 -12.26 3.45
N PRO B 110 -8.13 -12.57 4.45
CA PRO B 110 -8.31 -11.75 5.59
C PRO B 110 -7.03 -11.52 6.35
N ASN B 111 -6.10 -12.47 6.34
CA ASN B 111 -4.88 -12.32 7.10
C ASN B 111 -3.93 -11.46 6.26
N SER B 112 -3.42 -10.41 6.87
CA SER B 112 -2.53 -9.48 6.19
C SER B 112 -1.05 -9.87 6.23
N ASN B 113 -0.61 -10.86 7.01
CA ASN B 113 0.76 -11.26 6.79
C ASN B 113 0.86 -12.34 5.69
N CYS B 114 -0.28 -12.63 5.06
CA CYS B 114 -0.32 -13.50 3.91
C CYS B 114 0.30 -12.83 2.67
N ILE B 115 1.13 -13.73 2.12
CA ILE B 115 1.86 -13.56 0.90
C ILE B 115 0.97 -13.24 -0.30
N SER B 116 -0.33 -13.59 -0.25
CA SER B 116 -1.24 -13.38 -1.36
C SER B 116 -1.20 -11.93 -1.77
N HIS B 117 -1.24 -11.08 -0.75
CA HIS B 117 -1.41 -9.67 -0.94
C HIS B 117 -0.34 -8.98 -1.75
N ALA B 118 0.88 -9.50 -1.85
CA ALA B 118 1.93 -8.84 -2.62
C ALA B 118 2.24 -9.56 -3.93
N GLU B 119 1.76 -10.77 -4.14
CA GLU B 119 2.31 -11.45 -5.25
C GLU B 119 1.40 -11.63 -6.47
N PRO B 120 1.94 -11.81 -7.69
CA PRO B 120 1.18 -12.19 -8.87
C PRO B 120 0.58 -13.62 -8.84
N VAL B 121 -0.16 -13.92 -7.76
CA VAL B 121 -0.88 -15.17 -7.58
C VAL B 121 -2.34 -14.78 -7.42
N SER B 122 -3.17 -15.70 -7.84
CA SER B 122 -4.60 -15.56 -7.65
C SER B 122 -4.95 -16.20 -6.32
N SER B 123 -5.99 -15.73 -5.69
CA SER B 123 -6.45 -16.39 -4.48
C SER B 123 -6.97 -17.83 -4.73
N SER B 124 -6.92 -18.68 -3.73
CA SER B 124 -7.60 -19.96 -3.82
C SER B 124 -7.98 -20.24 -2.36
N PHE B 125 -9.26 -20.51 -2.14
CA PHE B 125 -9.78 -20.81 -0.83
C PHE B 125 -10.44 -22.14 -0.95
N ALA B 126 -10.09 -23.13 -0.13
CA ALA B 126 -10.84 -24.39 -0.17
C ALA B 126 -12.06 -24.15 0.66
N VAL B 127 -13.17 -24.79 0.32
CA VAL B 127 -14.45 -24.54 0.97
C VAL B 127 -14.95 -25.65 1.88
N ARG B 128 -15.51 -25.48 3.09
CA ARG B 128 -16.08 -26.59 3.82
C ARG B 128 -17.13 -26.10 4.78
N LYS B 129 -18.16 -26.96 5.02
CA LYS B 129 -19.38 -26.81 5.87
C LYS B 129 -20.44 -26.18 4.94
N ARG B 130 -21.75 -26.41 5.09
CA ARG B 130 -22.70 -25.98 4.06
C ARG B 130 -24.04 -25.46 4.54
N ALA B 131 -24.47 -24.35 3.91
CA ALA B 131 -25.75 -23.68 4.16
C ALA B 131 -26.03 -23.45 5.65
N ASN B 132 -24.93 -22.94 6.21
CA ASN B 132 -24.80 -22.58 7.64
C ASN B 132 -23.47 -21.84 7.60
N ASP B 133 -22.53 -21.97 8.57
CA ASP B 133 -21.20 -21.42 8.33
C ASP B 133 -20.54 -22.29 7.27
N ILE B 134 -19.65 -21.57 6.60
CA ILE B 134 -18.77 -22.12 5.60
C ILE B 134 -17.44 -21.46 5.93
N ALA B 135 -16.44 -22.34 6.13
CA ALA B 135 -15.07 -21.97 6.36
C ALA B 135 -14.30 -22.16 5.05
N LEU B 136 -13.70 -21.02 4.70
CA LEU B 136 -12.80 -20.84 3.55
C LEU B 136 -11.37 -20.84 4.10
N LYS B 137 -10.53 -21.77 3.66
CA LYS B 137 -9.13 -21.88 4.14
C LYS B 137 -8.17 -21.40 3.05
N CYS B 138 -7.16 -20.64 3.42
CA CYS B 138 -6.29 -20.10 2.39
C CYS B 138 -5.25 -21.11 1.89
N LYS B 139 -5.14 -21.04 0.56
CA LYS B 139 -4.16 -21.80 -0.16
C LYS B 139 -2.76 -21.57 0.40
N TYR B 140 -2.39 -20.31 0.64
CA TYR B 140 -1.07 -19.95 1.03
C TYR B 140 -0.84 -19.92 2.52
N CYS B 141 -1.53 -19.06 3.24
CA CYS B 141 -1.22 -19.01 4.63
C CYS B 141 -1.92 -20.18 5.35
N GLU B 142 -2.83 -20.92 4.71
CA GLU B 142 -3.51 -22.05 5.34
C GLU B 142 -4.42 -21.72 6.54
N LYS B 143 -4.68 -20.46 6.86
CA LYS B 143 -5.57 -20.08 7.92
C LYS B 143 -7.00 -20.27 7.43
N GLU B 144 -7.87 -20.63 8.34
CA GLU B 144 -9.27 -20.78 8.01
C GLU B 144 -10.06 -19.53 8.47
N PHE B 145 -11.18 -19.23 7.83
CA PHE B 145 -11.94 -18.03 8.16
C PHE B 145 -13.38 -18.35 7.88
N SER B 146 -14.28 -17.63 8.55
CA SER B 146 -15.68 -17.76 8.20
C SER B 146 -15.83 -16.86 7.00
N HIS B 147 -16.67 -17.47 6.16
CA HIS B 147 -17.08 -16.83 4.95
C HIS B 147 -17.66 -15.45 5.20
N ASN B 148 -18.22 -15.15 6.37
CA ASN B 148 -18.68 -13.82 6.69
C ASN B 148 -17.50 -12.88 6.55
N VAL B 149 -16.42 -13.27 7.25
CA VAL B 149 -15.24 -12.44 7.35
C VAL B 149 -14.67 -12.31 5.97
N VAL B 150 -14.45 -13.43 5.26
CA VAL B 150 -13.89 -13.33 3.92
C VAL B 150 -14.85 -12.50 3.02
N LEU B 151 -16.17 -12.66 3.12
CA LEU B 151 -17.08 -11.92 2.28
C LEU B 151 -17.59 -10.62 2.86
N ALA B 152 -16.61 -9.78 3.22
CA ALA B 152 -16.89 -8.53 3.86
C ALA B 152 -15.76 -7.55 3.58
N ASN B 153 -14.91 -7.27 4.57
CA ASN B 153 -13.90 -6.21 4.52
C ASN B 153 -12.63 -6.72 3.85
N ALA C 1 -13.16 44.80 6.66
CA ALA C 1 -12.54 43.50 6.63
C ALA C 1 -11.47 43.59 5.56
N ASN C 2 -10.37 42.86 5.65
CA ASN C 2 -9.27 42.93 4.68
C ASN C 2 -9.32 41.79 3.67
N PRO C 3 -8.85 41.90 2.45
CA PRO C 3 -9.12 40.90 1.43
C PRO C 3 -8.55 39.52 1.72
N LEU C 4 -7.48 39.44 2.55
CA LEU C 4 -6.82 38.21 2.94
C LEU C 4 -7.22 37.77 4.36
N TYR C 5 -8.11 38.50 5.05
CA TYR C 5 -8.48 38.11 6.42
C TYR C 5 -9.06 36.71 6.39
N GLN C 6 -8.50 35.90 7.29
CA GLN C 6 -8.89 34.54 7.46
C GLN C 6 -8.78 33.61 6.23
N LYS C 7 -8.02 34.06 5.21
CA LYS C 7 -7.78 33.25 4.01
C LYS C 7 -6.67 32.26 4.31
N HIS C 8 -6.81 31.00 3.89
CA HIS C 8 -5.74 30.00 3.92
C HIS C 8 -4.65 30.47 2.93
N ILE C 9 -3.32 30.37 2.97
CA ILE C 9 -2.48 30.76 1.83
C ILE C 9 -1.79 29.49 1.44
N ILE C 10 -2.22 28.92 0.32
CA ILE C 10 -1.70 27.65 -0.17
C ILE C 10 -0.86 27.76 -1.45
N SER C 11 -1.26 28.54 -2.46
CA SER C 11 -0.53 28.62 -3.69
C SER C 11 -0.45 30.02 -4.26
N ILE C 12 0.67 30.35 -4.89
CA ILE C 12 0.81 31.62 -5.60
C ILE C 12 -0.24 31.77 -6.70
N ASN C 13 -0.60 30.65 -7.33
CA ASN C 13 -1.58 30.61 -8.38
C ASN C 13 -2.94 31.05 -7.90
N ASP C 14 -3.17 30.86 -6.59
CA ASP C 14 -4.37 31.41 -5.99
C ASP C 14 -4.33 32.87 -5.68
N LEU C 15 -3.22 33.55 -5.52
CA LEU C 15 -3.22 34.95 -5.15
C LEU C 15 -3.29 35.83 -6.39
N SER C 16 -3.77 37.06 -6.25
CA SER C 16 -3.90 37.99 -7.36
C SER C 16 -2.76 38.99 -7.26
N ARG C 17 -2.58 39.83 -8.31
CA ARG C 17 -1.59 40.91 -8.36
C ARG C 17 -1.81 41.86 -7.20
N ASP C 18 -3.07 42.08 -6.92
CA ASP C 18 -3.45 42.94 -5.85
C ASP C 18 -3.15 42.33 -4.51
N ASP C 19 -3.57 41.08 -4.28
CA ASP C 19 -3.25 40.38 -3.07
C ASP C 19 -1.76 40.44 -2.82
N LEU C 20 -0.97 40.18 -3.87
CA LEU C 20 0.48 40.27 -3.82
C LEU C 20 0.96 41.64 -3.36
N ASN C 21 0.37 42.67 -3.96
CA ASN C 21 0.77 44.01 -3.62
C ASN C 21 0.52 44.32 -2.16
N LEU C 22 -0.69 44.03 -1.69
CA LEU C 22 -1.08 44.24 -0.33
C LEU C 22 -0.18 43.54 0.65
N VAL C 23 0.31 42.35 0.31
CA VAL C 23 1.18 41.67 1.20
C VAL C 23 2.51 42.36 1.10
N LEU C 24 3.00 42.77 -0.06
CA LEU C 24 4.31 43.42 -0.10
C LEU C 24 4.38 44.83 0.56
N ALA C 25 3.19 45.44 0.56
CA ALA C 25 2.87 46.71 1.16
C ALA C 25 2.97 46.74 2.68
N THR C 26 2.26 45.78 3.25
CA THR C 26 2.26 45.57 4.67
C THR C 26 3.64 45.13 5.16
N ALA C 27 4.40 44.41 4.32
CA ALA C 27 5.70 43.93 4.73
C ALA C 27 6.57 45.10 4.96
N ALA C 28 6.41 46.06 4.06
CA ALA C 28 7.15 47.29 4.14
C ALA C 28 6.79 48.15 5.39
N LYS C 29 5.50 48.27 5.71
CA LYS C 29 5.04 49.05 6.86
C LYS C 29 5.57 48.49 8.16
N LEU C 30 5.30 47.21 8.43
CA LEU C 30 5.82 46.40 9.53
C LEU C 30 7.32 46.42 9.52
N LYS C 31 8.06 46.41 8.40
CA LYS C 31 9.49 46.45 8.54
C LYS C 31 9.87 47.81 9.07
N ALA C 32 9.07 48.85 8.78
CA ALA C 32 9.39 50.20 9.19
C ALA C 32 8.93 50.55 10.60
N ASN C 33 7.73 50.07 10.94
CA ASN C 33 7.12 50.33 12.22
C ASN C 33 6.51 49.02 12.70
N PRO C 34 7.35 48.41 13.55
CA PRO C 34 7.07 47.16 14.24
C PRO C 34 5.80 47.05 15.02
N GLN C 35 5.13 45.91 15.03
CA GLN C 35 3.93 45.86 15.81
C GLN C 35 3.94 44.73 16.85
N PRO C 36 4.76 44.83 17.93
CA PRO C 36 5.08 43.70 18.84
C PRO C 36 3.98 43.06 19.67
N GLU C 37 2.82 43.66 19.83
CA GLU C 37 1.75 43.00 20.54
C GLU C 37 0.49 42.85 19.71
N LEU C 38 0.70 42.81 18.38
CA LEU C 38 -0.37 42.71 17.42
C LEU C 38 -1.11 41.43 17.59
N LEU C 39 -0.33 40.39 17.78
CA LEU C 39 -0.87 39.07 17.88
C LEU C 39 -0.72 38.38 19.22
N LYS C 40 -0.64 39.27 20.25
CA LYS C 40 -0.65 38.86 21.64
C LYS C 40 -1.87 37.94 21.81
N HIS C 41 -1.76 37.00 22.74
CA HIS C 41 -2.80 35.99 22.93
C HIS C 41 -3.14 35.02 21.80
N LYS C 42 -2.59 35.09 20.59
CA LYS C 42 -2.77 34.02 19.60
C LYS C 42 -1.71 32.90 19.77
N VAL C 43 -2.04 31.62 19.46
CA VAL C 43 -1.12 30.50 19.46
C VAL C 43 -1.18 29.96 18.03
N ILE C 44 -0.05 29.66 17.43
CA ILE C 44 0.02 29.24 16.02
C ILE C 44 0.72 27.88 16.18
N ALA C 45 0.28 26.87 15.47
CA ALA C 45 0.99 25.62 15.42
C ALA C 45 1.96 25.91 14.28
N SER C 46 3.16 25.41 14.46
CA SER C 46 4.18 25.46 13.44
C SER C 46 4.46 23.95 13.28
N CYS C 47 3.89 23.33 12.26
CA CYS C 47 3.94 21.91 12.05
C CYS C 47 4.89 21.51 10.97
N PHE C 48 6.15 21.25 11.30
CA PHE C 48 7.01 20.90 10.20
C PHE C 48 7.17 19.41 10.21
N PHE C 49 6.37 18.71 9.40
CA PHE C 49 6.39 17.26 9.23
C PHE C 49 7.70 16.86 8.56
N GLU C 50 8.16 17.69 7.66
CA GLU C 50 9.42 17.53 6.99
C GLU C 50 10.19 18.62 7.72
N ALA C 51 11.42 18.39 8.13
CA ALA C 51 12.20 19.45 8.74
C ALA C 51 12.89 20.30 7.72
N SER C 52 12.72 21.60 7.86
CA SER C 52 13.36 22.59 7.07
C SER C 52 13.45 23.86 7.91
N THR C 53 14.54 23.86 8.69
CA THR C 53 14.92 24.84 9.67
C THR C 53 15.14 26.28 9.14
N ARG C 54 15.56 26.74 7.97
CA ARG C 54 15.54 28.18 7.74
C ARG C 54 14.14 28.72 7.56
N THR C 55 13.19 28.00 6.93
CA THR C 55 11.86 28.55 6.69
C THR C 55 11.18 28.59 8.06
N ARG C 56 11.41 27.50 8.82
CA ARG C 56 10.89 27.40 10.16
C ARG C 56 11.43 28.42 11.12
N LEU C 57 12.75 28.67 11.18
CA LEU C 57 13.26 29.64 12.13
C LEU C 57 12.73 31.00 11.80
N SER C 58 12.63 31.32 10.52
CA SER C 58 12.04 32.55 10.02
C SER C 58 10.57 32.72 10.48
N PHE C 59 9.72 31.73 10.23
CA PHE C 59 8.31 31.78 10.56
C PHE C 59 8.10 31.91 12.06
N GLN C 60 8.77 31.09 12.90
CA GLN C 60 8.59 31.24 14.33
C GLN C 60 9.12 32.54 14.95
N THR C 61 10.18 33.08 14.32
CA THR C 61 10.71 34.36 14.73
C THR C 61 9.64 35.38 14.40
N SER C 62 9.11 35.39 13.16
CA SER C 62 8.04 36.29 12.77
C SER C 62 6.88 36.23 13.72
N MET C 63 6.34 35.06 14.03
CA MET C 63 5.28 34.87 15.01
C MET C 63 5.64 35.50 16.36
N HIS C 64 6.84 35.23 16.87
CA HIS C 64 7.28 35.95 18.08
C HIS C 64 7.39 37.46 17.98
N ARG C 65 7.77 37.97 16.79
CA ARG C 65 7.87 39.41 16.66
C ARG C 65 6.49 40.05 16.65
N LEU C 66 5.40 39.30 16.56
CA LEU C 66 4.10 39.94 16.62
C LEU C 66 3.42 39.63 17.94
N GLY C 67 4.05 38.97 18.88
CA GLY C 67 3.38 38.76 20.16
C GLY C 67 2.79 37.38 20.36
N ALA C 68 2.97 36.48 19.41
CA ALA C 68 2.35 35.20 19.53
C ALA C 68 3.22 34.09 20.14
N SER C 69 2.42 33.17 20.69
CA SER C 69 2.89 31.87 21.18
C SER C 69 2.91 30.86 20.03
N VAL C 70 3.89 29.97 20.12
CA VAL C 70 4.11 28.98 19.09
C VAL C 70 4.08 27.57 19.70
N VAL C 71 3.42 26.59 19.12
CA VAL C 71 3.48 25.21 19.59
C VAL C 71 3.70 24.42 18.30
N GLY C 72 4.13 23.18 18.30
CA GLY C 72 4.38 22.53 17.04
C GLY C 72 5.37 21.45 17.23
N PHE C 73 6.10 21.08 16.16
CA PHE C 73 7.14 20.06 16.09
C PHE C 73 7.99 20.28 14.82
N SER C 74 9.02 19.44 14.68
CA SER C 74 10.00 19.42 13.58
C SER C 74 10.17 17.90 13.33
N ASP C 75 9.30 17.21 12.61
CA ASP C 75 9.37 15.76 12.42
C ASP C 75 10.35 15.36 11.28
N SER C 76 10.09 14.35 10.41
CA SER C 76 11.01 13.77 9.39
C SER C 76 12.00 12.80 10.01
N ALA C 77 12.65 13.30 11.07
CA ALA C 77 13.50 12.50 11.94
C ALA C 77 12.45 11.54 12.50
N ASN C 78 11.46 12.16 13.23
CA ASN C 78 10.23 11.57 13.76
C ASN C 78 9.88 11.98 15.17
N THR C 79 8.58 12.02 15.54
CA THR C 79 8.07 12.23 16.92
C THR C 79 7.00 11.15 16.95
N SER C 80 5.97 11.23 17.80
CA SER C 80 4.84 10.35 17.57
C SER C 80 4.14 11.20 16.52
N LEU C 81 4.42 10.85 15.27
CA LEU C 81 3.87 11.51 14.12
C LEU C 81 4.08 10.73 12.83
N GLY C 82 3.26 11.23 11.88
CA GLY C 82 3.20 10.86 10.46
C GLY C 82 3.06 9.38 10.11
N LYS C 83 2.44 8.55 10.97
CA LYS C 83 2.58 7.09 10.82
C LYS C 83 1.48 6.23 11.51
N LYS C 84 1.67 4.89 11.38
CA LYS C 84 0.85 3.81 11.95
C LYS C 84 -0.68 3.76 11.70
N GLY C 85 -1.22 4.77 11.01
CA GLY C 85 -2.65 4.80 10.76
C GLY C 85 -3.27 6.16 11.09
N GLU C 86 -2.54 7.11 11.70
CA GLU C 86 -3.18 8.42 11.89
C GLU C 86 -3.12 9.18 10.57
N THR C 87 -4.28 9.63 10.08
CA THR C 87 -4.26 10.40 8.87
C THR C 87 -3.98 11.88 9.13
N LEU C 88 -3.52 12.57 8.09
CA LEU C 88 -3.26 13.98 8.17
C LEU C 88 -4.59 14.61 8.49
N ALA C 89 -5.70 14.16 7.87
CA ALA C 89 -7.02 14.71 8.14
C ALA C 89 -7.35 14.58 9.65
N ASP C 90 -7.10 13.48 10.38
CA ASP C 90 -7.43 13.45 11.77
C ASP C 90 -6.48 14.22 12.62
N THR C 91 -5.20 14.25 12.24
CA THR C 91 -4.23 15.18 12.80
C THR C 91 -4.67 16.65 12.62
N ILE C 92 -5.11 17.15 11.45
CA ILE C 92 -5.41 18.56 11.33
C ILE C 92 -6.68 18.91 12.10
N SER C 93 -7.62 17.98 12.10
CA SER C 93 -8.81 18.14 12.88
C SER C 93 -8.53 18.29 14.35
N VAL C 94 -7.43 17.81 14.89
CA VAL C 94 -7.25 17.94 16.32
C VAL C 94 -6.53 19.22 16.58
N ILE C 95 -5.41 19.54 15.95
CA ILE C 95 -4.67 20.76 16.19
C ILE C 95 -5.55 22.00 15.92
N SER C 96 -6.53 21.98 15.00
CA SER C 96 -7.32 23.18 14.75
C SER C 96 -8.25 23.48 15.91
N THR C 97 -8.53 22.45 16.66
CA THR C 97 -9.24 22.55 17.89
C THR C 97 -8.32 23.41 18.77
N TYR C 98 -6.98 23.29 18.79
CA TYR C 98 -6.05 23.97 19.71
C TYR C 98 -5.68 25.41 19.34
N VAL C 99 -5.33 25.66 18.11
CA VAL C 99 -4.64 26.88 17.70
C VAL C 99 -5.42 27.77 16.81
N ASP C 100 -4.88 28.99 16.77
CA ASP C 100 -5.43 30.08 16.00
C ASP C 100 -5.05 30.08 14.52
N ALA C 101 -3.88 29.53 14.14
CA ALA C 101 -3.41 29.46 12.74
C ALA C 101 -2.54 28.23 12.54
N ILE C 102 -2.65 27.45 11.50
CA ILE C 102 -1.67 26.37 11.27
C ILE C 102 -0.65 26.77 10.17
N VAL C 103 0.64 26.90 10.55
CA VAL C 103 1.70 27.00 9.58
C VAL C 103 2.19 25.54 9.47
N MET C 104 2.24 24.91 8.27
CA MET C 104 2.66 23.55 8.12
C MET C 104 3.56 23.27 6.91
N ARG C 105 4.69 22.49 7.02
CA ARG C 105 5.44 22.03 5.85
C ARG C 105 5.32 20.48 5.70
N HIS C 106 4.98 19.93 4.51
CA HIS C 106 4.77 18.51 4.41
C HIS C 106 5.60 18.03 3.26
N PRO C 107 6.19 16.81 3.43
CA PRO C 107 6.76 16.04 2.34
C PRO C 107 5.93 15.82 1.06
N GLN C 108 4.58 15.68 1.10
CA GLN C 108 3.76 15.39 -0.05
C GLN C 108 2.91 16.51 -0.63
N GLU C 109 2.72 16.44 -1.95
CA GLU C 109 1.96 17.46 -2.63
C GLU C 109 0.49 17.49 -2.29
N GLY C 110 0.00 18.69 -2.13
CA GLY C 110 -1.43 18.83 -1.94
C GLY C 110 -1.82 18.85 -0.50
N ALA C 111 -0.88 18.57 0.44
CA ALA C 111 -1.17 18.47 1.88
C ALA C 111 -1.79 19.65 2.64
N ALA C 112 -1.39 20.89 2.34
CA ALA C 112 -1.93 22.05 2.96
C ALA C 112 -3.33 22.36 2.48
N ARG C 113 -3.69 21.93 1.27
CA ARG C 113 -4.99 22.17 0.67
C ARG C 113 -5.89 21.05 1.21
N LEU C 114 -5.33 19.85 1.42
CA LEU C 114 -6.04 18.84 2.18
C LEU C 114 -6.26 19.38 3.61
N ALA C 115 -5.24 19.99 4.26
CA ALA C 115 -5.34 20.56 5.60
C ALA C 115 -6.51 21.51 5.79
N THR C 116 -6.68 22.31 4.74
CA THR C 116 -7.77 23.24 4.57
C THR C 116 -9.19 22.65 4.63
N GLU C 117 -9.37 21.43 4.13
CA GLU C 117 -10.62 20.76 4.25
C GLU C 117 -10.95 20.44 5.70
N PHE C 118 -10.01 20.36 6.62
CA PHE C 118 -10.27 19.86 7.97
C PHE C 118 -9.97 20.81 9.11
N SER C 119 -9.62 22.06 8.74
CA SER C 119 -9.07 22.96 9.71
C SER C 119 -10.12 23.90 10.22
N GLY C 120 -11.36 23.70 9.79
CA GLY C 120 -12.47 24.50 10.26
C GLY C 120 -12.27 25.95 9.93
N ASN C 121 -12.37 26.80 10.96
CA ASN C 121 -12.15 28.23 10.73
C ASN C 121 -10.72 28.68 10.88
N VAL C 122 -9.83 27.74 11.17
CA VAL C 122 -8.45 28.06 11.42
C VAL C 122 -7.81 28.07 10.04
N PRO C 123 -7.13 29.21 9.71
CA PRO C 123 -6.35 29.45 8.49
C PRO C 123 -5.11 28.56 8.36
N VAL C 124 -4.77 28.12 7.15
CA VAL C 124 -3.60 27.25 6.96
C VAL C 124 -2.70 27.98 5.96
N LEU C 125 -1.48 28.18 6.43
CA LEU C 125 -0.38 28.78 5.70
C LEU C 125 0.55 27.66 5.25
N ASN C 126 0.73 27.56 3.94
CA ASN C 126 1.60 26.54 3.38
C ASN C 126 3.10 26.92 3.45
N ALA C 127 3.91 26.17 4.20
CA ALA C 127 5.35 26.40 4.17
C ALA C 127 6.14 25.37 3.29
N GLY C 128 5.45 24.80 2.32
CA GLY C 128 6.00 23.98 1.28
C GLY C 128 5.33 22.63 1.40
N ASP C 129 4.88 22.09 0.27
CA ASP C 129 4.21 20.79 0.21
C ASP C 129 4.80 20.07 -0.97
N GLY C 130 5.81 19.25 -0.72
CA GLY C 130 6.56 18.65 -1.82
C GLY C 130 7.05 19.65 -2.94
N SER C 131 7.18 19.09 -4.14
CA SER C 131 7.52 19.85 -5.34
C SER C 131 6.49 20.86 -5.81
N ASN C 132 5.38 21.06 -5.09
CA ASN C 132 4.29 21.88 -5.57
C ASN C 132 4.56 23.32 -5.18
N GLN C 133 3.89 23.86 -4.15
CA GLN C 133 3.99 25.25 -3.78
C GLN C 133 4.91 25.53 -2.59
N HIS C 134 5.28 26.83 -2.54
CA HIS C 134 5.95 27.47 -1.39
C HIS C 134 5.72 29.02 -1.42
N PRO C 135 4.48 29.56 -1.25
CA PRO C 135 4.14 30.96 -1.57
C PRO C 135 4.97 31.96 -0.80
N THR C 136 5.15 31.62 0.42
CA THR C 136 5.88 32.42 1.39
C THR C 136 7.35 32.76 1.07
N GLN C 137 8.07 31.80 0.43
CA GLN C 137 9.34 32.06 -0.19
C GLN C 137 9.10 33.03 -1.37
N THR C 138 8.18 32.80 -2.32
CA THR C 138 7.97 33.68 -3.49
C THR C 138 7.70 35.14 -3.11
N LEU C 139 6.96 35.25 -2.01
CA LEU C 139 6.63 36.50 -1.36
C LEU C 139 7.81 37.30 -0.82
N LEU C 140 8.81 36.66 -0.21
CA LEU C 140 9.95 37.37 0.29
C LEU C 140 10.83 37.78 -0.91
N ASP C 141 10.74 36.99 -1.96
CA ASP C 141 11.58 37.22 -3.09
C ASP C 141 11.00 38.37 -3.83
N LEU C 142 9.70 38.42 -3.91
CA LEU C 142 9.09 39.55 -4.53
C LEU C 142 9.31 40.84 -3.74
N PHE C 143 9.17 40.84 -2.40
CA PHE C 143 9.48 42.01 -1.59
C PHE C 143 10.98 42.38 -1.73
N THR C 144 11.93 41.41 -1.84
CA THR C 144 13.34 41.74 -2.05
C THR C 144 13.58 42.43 -3.37
N ILE C 145 12.94 41.96 -4.45
CA ILE C 145 13.06 42.53 -5.80
C ILE C 145 12.34 43.86 -5.74
N GLN C 146 11.19 43.99 -5.09
CA GLN C 146 10.53 45.24 -5.11
C GLN C 146 11.37 46.26 -4.33
N GLN C 147 11.90 45.91 -3.16
CA GLN C 147 12.76 46.80 -2.37
C GLN C 147 14.08 47.16 -3.07
N THR C 148 14.71 46.26 -3.80
CA THR C 148 15.93 46.64 -4.45
C THR C 148 15.64 47.27 -5.79
N GLU C 149 14.53 46.94 -6.42
CA GLU C 149 14.39 47.46 -7.75
C GLU C 149 13.38 48.55 -7.84
N GLY C 150 12.74 48.81 -6.71
CA GLY C 150 11.74 49.83 -6.75
C GLY C 150 10.51 49.41 -7.53
N ARG C 151 10.52 48.33 -8.30
CA ARG C 151 9.36 48.02 -9.11
C ARG C 151 9.26 46.52 -9.29
N LEU C 152 8.03 46.09 -9.68
CA LEU C 152 7.81 44.66 -10.00
C LEU C 152 7.35 44.51 -11.45
N ASP C 153 7.20 45.69 -12.08
CA ASP C 153 6.96 45.79 -13.51
C ASP C 153 8.27 46.16 -14.19
N ASN C 154 8.26 45.61 -15.40
CA ASN C 154 9.24 45.91 -16.43
C ASN C 154 10.68 45.67 -16.10
N LEU C 155 11.05 44.43 -15.80
CA LEU C 155 12.40 44.12 -15.38
C LEU C 155 13.11 43.08 -16.23
N HIS C 156 14.42 42.88 -16.08
CA HIS C 156 15.23 41.90 -16.81
C HIS C 156 15.66 40.92 -15.71
N VAL C 157 15.03 39.77 -15.66
CA VAL C 157 15.30 38.82 -14.60
C VAL C 157 15.94 37.56 -15.20
N ALA C 158 17.13 37.18 -14.78
CA ALA C 158 17.67 35.96 -15.29
C ALA C 158 17.50 34.88 -14.25
N MET C 159 17.17 33.69 -14.72
CA MET C 159 16.89 32.52 -13.89
C MET C 159 18.02 31.56 -14.21
N VAL C 160 18.85 31.27 -13.21
CA VAL C 160 20.00 30.36 -13.43
C VAL C 160 20.00 29.12 -12.52
N GLY C 161 20.25 27.96 -13.15
CA GLY C 161 20.48 26.74 -12.40
C GLY C 161 19.60 25.62 -12.86
N ASP C 162 19.06 24.84 -11.93
CA ASP C 162 18.14 23.81 -12.30
C ASP C 162 16.79 24.50 -12.33
N LEU C 163 16.33 24.74 -13.54
CA LEU C 163 15.02 25.35 -13.69
C LEU C 163 13.97 24.25 -13.87
N LYS C 164 14.37 22.97 -13.94
CA LYS C 164 13.46 21.86 -14.12
C LYS C 164 12.81 21.54 -12.79
N TYR C 165 13.65 21.47 -11.81
CA TYR C 165 13.09 21.03 -10.57
C TYR C 165 12.91 22.24 -9.64
N GLY C 166 13.30 23.45 -10.06
CA GLY C 166 13.16 24.62 -9.22
C GLY C 166 11.69 25.05 -8.92
N ARG C 167 11.07 24.54 -7.84
CA ARG C 167 9.73 24.97 -7.41
C ARG C 167 9.76 26.45 -7.07
N THR C 168 10.98 26.96 -6.68
CA THR C 168 11.10 28.40 -6.46
C THR C 168 11.12 29.11 -7.80
N VAL C 169 11.98 28.78 -8.78
CA VAL C 169 11.96 29.56 -10.03
C VAL C 169 10.58 29.53 -10.74
N HIS C 170 9.82 28.42 -10.57
CA HIS C 170 8.53 28.22 -11.20
C HIS C 170 7.44 29.15 -10.66
N SER C 171 7.49 29.49 -9.38
CA SER C 171 6.47 30.37 -8.86
C SER C 171 6.84 31.80 -9.04
N LEU C 172 8.15 32.09 -9.07
CA LEU C 172 8.56 33.46 -9.21
C LEU C 172 8.27 33.74 -10.69
N THR C 173 8.42 32.77 -11.63
CA THR C 173 8.08 33.10 -13.01
C THR C 173 6.57 33.28 -13.15
N GLN C 174 5.76 32.47 -12.45
CA GLN C 174 4.33 32.74 -12.53
C GLN C 174 3.85 33.99 -11.77
N ALA C 175 4.41 34.37 -10.59
CA ALA C 175 4.12 35.62 -9.86
C ALA C 175 4.50 36.87 -10.63
N LEU C 176 5.72 36.82 -11.18
CA LEU C 176 6.25 37.92 -11.94
C LEU C 176 5.53 38.13 -13.26
N ALA C 177 4.97 36.99 -13.80
CA ALA C 177 4.21 36.99 -15.04
C ALA C 177 2.85 37.68 -14.79
N LYS C 178 2.45 38.02 -13.57
CA LYS C 178 1.23 38.77 -13.36
C LYS C 178 1.50 40.26 -13.57
N PHE C 179 2.68 40.80 -13.28
CA PHE C 179 2.99 42.20 -13.57
C PHE C 179 3.50 42.27 -15.02
N ASP C 180 3.82 43.48 -15.53
CA ASP C 180 4.10 43.58 -16.96
C ASP C 180 5.47 44.01 -17.45
N GLY C 181 5.77 43.69 -18.72
CA GLY C 181 7.03 44.14 -19.32
C GLY C 181 8.29 43.50 -18.78
N ASN C 182 8.18 42.30 -18.20
CA ASN C 182 9.32 41.68 -17.58
C ASN C 182 9.94 40.84 -18.64
N ARG C 183 11.26 40.72 -18.70
CA ARG C 183 11.90 39.88 -19.69
C ARG C 183 12.62 38.81 -18.89
N PHE C 184 12.49 37.56 -19.31
CA PHE C 184 13.07 36.46 -18.59
C PHE C 184 14.25 35.87 -19.36
N TYR C 185 15.36 35.59 -18.69
CA TYR C 185 16.50 34.92 -19.32
C TYR C 185 16.63 33.57 -18.63
N PHE C 186 16.48 32.43 -19.28
CA PHE C 186 16.64 31.15 -18.59
C PHE C 186 18.01 30.64 -19.02
N ILE C 187 18.83 30.19 -18.03
CA ILE C 187 20.22 29.80 -18.20
C ILE C 187 20.26 28.61 -17.26
N ALA C 188 20.14 27.46 -17.90
CA ALA C 188 20.15 26.10 -17.28
C ALA C 188 20.92 25.22 -18.29
N PRO C 189 21.59 24.10 -17.96
CA PRO C 189 21.80 23.02 -18.93
C PRO C 189 20.45 22.51 -19.53
N ASP C 190 20.47 22.10 -20.81
CA ASP C 190 19.28 21.62 -21.52
C ASP C 190 18.59 20.48 -20.75
N ALA C 191 19.43 19.74 -20.02
CA ALA C 191 18.99 18.73 -19.07
C ALA C 191 18.18 19.20 -17.84
N LEU C 192 18.43 20.41 -17.34
CA LEU C 192 17.71 20.90 -16.17
C LEU C 192 16.88 22.15 -16.47
N ALA C 193 16.31 22.06 -17.67
CA ALA C 193 15.58 23.14 -18.30
C ALA C 193 14.18 23.52 -17.83
N MET C 194 13.86 24.79 -18.09
CA MET C 194 12.57 25.35 -17.73
C MET C 194 11.42 24.63 -18.42
N PRO C 195 10.52 23.96 -17.72
CA PRO C 195 9.40 23.25 -18.34
C PRO C 195 8.53 23.93 -19.42
N GLU C 196 7.96 23.14 -20.36
CA GLU C 196 7.05 23.69 -21.36
C GLU C 196 5.79 24.28 -20.76
N TYR C 197 5.19 23.69 -19.68
CA TYR C 197 3.98 24.30 -19.17
C TYR C 197 4.18 25.79 -18.76
N ILE C 198 5.40 26.05 -18.21
CA ILE C 198 5.81 27.41 -17.86
C ILE C 198 5.89 28.27 -19.10
N LEU C 199 6.65 27.75 -20.06
CA LEU C 199 6.85 28.48 -21.32
C LEU C 199 5.57 28.77 -22.11
N ASP C 200 4.62 27.83 -22.09
CA ASP C 200 3.29 27.99 -22.70
C ASP C 200 2.64 29.21 -22.11
N MET C 201 2.40 29.08 -20.80
CA MET C 201 1.90 30.11 -19.91
C MET C 201 2.44 31.48 -20.30
N LEU C 202 3.77 31.61 -20.34
CA LEU C 202 4.42 32.85 -20.71
C LEU C 202 4.08 33.41 -22.07
N ASP C 203 4.24 32.53 -23.09
CA ASP C 203 3.98 32.87 -24.50
C ASP C 203 2.53 33.28 -24.63
N GLU C 204 1.64 32.52 -23.99
CA GLU C 204 0.20 32.75 -23.90
C GLU C 204 -0.05 34.12 -23.31
N LYS C 205 0.55 34.55 -22.17
CA LYS C 205 0.33 35.88 -21.62
C LYS C 205 1.21 36.91 -22.35
N GLY C 206 1.83 36.62 -23.49
CA GLY C 206 2.58 37.65 -24.25
C GLY C 206 3.94 38.12 -23.69
N ILE C 207 4.70 37.29 -22.95
CA ILE C 207 5.93 37.76 -22.28
C ILE C 207 7.29 37.36 -22.90
N ALA C 208 8.27 38.26 -22.95
CA ALA C 208 9.53 37.92 -23.61
C ALA C 208 10.50 37.10 -22.76
N TRP C 209 10.89 35.92 -23.23
CA TRP C 209 11.88 35.11 -22.52
C TRP C 209 12.87 34.57 -23.55
N SER C 210 14.10 34.20 -23.18
CA SER C 210 15.07 33.56 -24.05
C SER C 210 16.04 32.66 -23.29
N LEU C 211 16.38 31.50 -23.87
CA LEU C 211 17.35 30.60 -23.27
C LEU C 211 18.71 31.13 -23.69
N HIS C 212 19.67 31.09 -22.78
CA HIS C 212 21.00 31.60 -23.03
C HIS C 212 21.97 30.60 -22.50
N SER C 213 23.19 30.71 -23.01
CA SER C 213 24.16 29.67 -22.69
C SER C 213 25.05 30.00 -21.55
N SER C 214 25.26 31.27 -21.27
CA SER C 214 26.16 31.71 -20.21
C SER C 214 25.52 32.89 -19.58
N ILE C 215 25.70 32.95 -18.24
CA ILE C 215 25.32 34.10 -17.38
C ILE C 215 25.86 35.39 -18.03
N GLU C 216 27.07 35.10 -18.53
CA GLU C 216 27.90 35.97 -19.32
C GLU C 216 27.19 36.71 -20.44
N GLU C 217 26.43 36.13 -21.37
CA GLU C 217 25.75 36.95 -22.40
C GLU C 217 24.67 37.85 -21.80
N VAL C 218 24.14 37.47 -20.65
CA VAL C 218 23.06 38.22 -20.07
C VAL C 218 23.55 39.37 -19.23
N MET C 219 24.59 39.21 -18.40
CA MET C 219 25.03 40.20 -17.43
C MET C 219 24.89 41.70 -17.64
N ALA C 220 25.04 42.16 -18.87
CA ALA C 220 24.94 43.58 -19.15
C ALA C 220 23.54 44.19 -18.92
N GLU C 221 22.58 43.32 -19.15
CA GLU C 221 21.16 43.61 -19.20
C GLU C 221 20.31 43.46 -17.97
N VAL C 222 20.68 42.47 -17.17
CA VAL C 222 20.00 42.03 -15.98
C VAL C 222 19.89 42.99 -14.82
N ASP C 223 18.70 42.83 -14.26
CA ASP C 223 18.26 43.52 -13.07
C ASP C 223 18.37 42.55 -11.90
N ILE C 224 17.71 41.38 -11.97
CA ILE C 224 17.70 40.41 -10.91
C ILE C 224 18.44 39.22 -11.47
N LEU C 225 19.31 38.62 -10.68
CA LEU C 225 19.94 37.37 -11.11
C LEU C 225 19.56 36.34 -10.04
N TYR C 226 18.60 35.47 -10.30
CA TYR C 226 18.19 34.58 -9.25
C TYR C 226 18.89 33.22 -9.33
N MET C 227 19.84 32.91 -8.46
CA MET C 227 20.49 31.63 -8.53
C MET C 227 19.74 30.54 -7.81
N THR C 228 20.04 29.37 -8.30
CA THR C 228 19.39 28.20 -7.81
C THR C 228 20.34 27.06 -7.52
N ARG C 229 19.97 26.42 -6.41
CA ARG C 229 20.66 25.21 -5.95
C ARG C 229 20.54 24.12 -7.04
N VAL C 230 21.70 23.66 -7.50
CA VAL C 230 21.66 22.54 -8.41
C VAL C 230 21.73 21.39 -7.42
N GLN C 231 20.90 20.38 -7.69
CA GLN C 231 20.90 19.16 -6.95
C GLN C 231 21.92 18.30 -7.65
N LYS C 232 23.10 18.17 -7.07
CA LYS C 232 24.26 17.45 -7.64
C LYS C 232 24.00 15.96 -7.96
N GLU C 233 23.05 15.49 -7.17
CA GLU C 233 22.54 14.12 -7.13
C GLU C 233 21.41 13.97 -8.16
N ARG C 234 21.03 15.04 -8.86
CA ARG C 234 19.96 14.95 -9.86
C ARG C 234 20.66 14.86 -11.22
N LEU C 235 21.98 14.65 -11.25
CA LEU C 235 22.74 14.48 -12.47
C LEU C 235 23.78 13.45 -12.11
N ASP C 236 24.47 12.95 -13.13
CA ASP C 236 25.54 11.98 -12.94
C ASP C 236 26.76 12.72 -12.40
N PRO C 237 27.56 12.17 -11.48
CA PRO C 237 28.81 12.75 -10.96
C PRO C 237 29.74 13.37 -11.99
N SER C 238 29.81 12.67 -13.11
CA SER C 238 30.57 13.11 -14.26
C SER C 238 29.77 14.11 -15.09
N GLU C 239 28.44 14.06 -15.06
CA GLU C 239 27.58 15.03 -15.74
C GLU C 239 27.49 16.44 -15.09
N TYR C 240 27.38 16.55 -13.75
CA TYR C 240 27.41 17.82 -13.07
C TYR C 240 28.69 18.57 -13.38
N ALA C 241 29.77 17.84 -13.05
CA ALA C 241 31.14 18.29 -13.20
C ALA C 241 31.51 18.66 -14.63
N ASN C 242 31.08 17.86 -15.58
CA ASN C 242 31.40 18.14 -16.97
C ASN C 242 30.46 19.24 -17.38
N VAL C 243 30.98 20.41 -17.71
CA VAL C 243 30.16 21.30 -18.50
C VAL C 243 31.11 21.66 -19.62
N LYS C 244 31.96 22.68 -19.44
CA LYS C 244 32.87 23.23 -20.45
C LYS C 244 33.41 24.34 -19.58
N ALA C 245 32.43 25.20 -19.29
CA ALA C 245 32.56 26.26 -18.32
C ALA C 245 31.72 25.68 -17.14
N GLN C 246 30.77 26.40 -16.51
CA GLN C 246 29.87 25.82 -15.54
C GLN C 246 28.72 26.78 -15.38
N PHE C 247 27.95 26.70 -14.29
CA PHE C 247 26.85 27.61 -13.99
C PHE C 247 27.13 28.15 -12.58
N VAL C 248 28.39 28.41 -12.27
CA VAL C 248 28.70 28.96 -10.96
C VAL C 248 29.00 30.42 -11.16
N LEU C 249 28.67 31.23 -10.17
CA LEU C 249 28.86 32.66 -10.23
C LEU C 249 30.03 33.08 -9.37
N ARG C 250 30.98 33.81 -9.91
CA ARG C 250 32.11 34.39 -9.18
C ARG C 250 32.20 35.91 -9.43
N ALA C 251 32.76 36.64 -8.45
CA ALA C 251 32.75 38.12 -8.51
C ALA C 251 33.20 38.80 -9.83
N SER C 252 34.19 38.17 -10.48
CA SER C 252 34.78 38.57 -11.76
C SER C 252 33.67 38.86 -12.76
N ASP C 253 32.75 37.89 -12.83
CA ASP C 253 31.68 37.92 -13.78
C ASP C 253 30.81 39.13 -13.69
N LEU C 254 30.73 39.62 -12.46
CA LEU C 254 29.86 40.71 -12.18
C LEU C 254 30.42 42.01 -12.64
N HIS C 255 31.61 42.08 -13.23
CA HIS C 255 32.11 43.39 -13.62
C HIS C 255 31.24 44.16 -14.61
N ASN C 256 30.45 43.52 -15.43
CA ASN C 256 29.64 44.25 -16.36
C ASN C 256 28.23 44.53 -15.83
N ALA C 257 27.99 44.13 -14.58
CA ALA C 257 26.65 44.17 -14.07
C ALA C 257 26.23 45.61 -13.80
N LYS C 258 24.93 45.96 -13.92
CA LYS C 258 24.37 47.26 -13.58
C LYS C 258 24.46 47.58 -12.11
N ALA C 259 24.49 48.87 -11.80
CA ALA C 259 24.57 49.27 -10.39
C ALA C 259 23.38 48.72 -9.65
N ASN C 260 22.20 48.73 -10.23
CA ASN C 260 21.05 48.20 -9.50
C ASN C 260 21.02 46.67 -9.39
N MET C 261 21.83 45.93 -10.13
CA MET C 261 21.68 44.51 -10.10
C MET C 261 22.00 43.80 -8.77
N LYS C 262 21.12 42.81 -8.48
CA LYS C 262 21.29 41.95 -7.30
C LYS C 262 21.29 40.49 -7.66
N VAL C 263 22.02 39.77 -6.85
CA VAL C 263 22.10 38.30 -6.95
C VAL C 263 21.28 37.77 -5.78
N LEU C 264 20.33 36.90 -6.10
CA LEU C 264 19.33 36.38 -5.19
C LEU C 264 19.41 34.92 -5.20
N HIS C 265 19.32 34.27 -4.08
CA HIS C 265 19.40 32.83 -4.02
C HIS C 265 18.50 32.40 -2.90
N PRO C 266 17.63 31.41 -3.07
CA PRO C 266 16.83 30.89 -1.96
C PRO C 266 17.56 30.23 -0.77
N LEU C 267 18.88 29.91 -0.95
CA LEU C 267 19.70 29.11 -0.03
C LEU C 267 19.15 27.74 0.44
N PRO C 268 19.88 26.61 0.63
CA PRO C 268 21.31 26.52 0.76
C PRO C 268 21.95 26.75 -0.58
N ARG C 269 23.04 27.47 -0.45
CA ARG C 269 23.92 27.78 -1.53
C ARG C 269 25.09 26.83 -1.23
N VAL C 270 25.58 26.10 -2.22
CA VAL C 270 26.73 25.29 -1.92
C VAL C 270 27.71 25.64 -3.03
N ASP C 271 27.71 25.01 -4.20
CA ASP C 271 28.76 25.24 -5.19
C ASP C 271 28.60 26.54 -5.99
N GLU C 272 27.40 27.10 -6.02
CA GLU C 272 27.07 27.95 -7.11
C GLU C 272 27.31 29.42 -7.03
N ILE C 273 27.68 29.97 -5.90
CA ILE C 273 27.94 31.39 -5.77
C ILE C 273 29.14 31.31 -4.89
N ALA C 274 30.19 31.69 -5.56
CA ALA C 274 31.49 31.82 -4.92
C ALA C 274 31.45 32.98 -3.91
N THR C 275 31.75 32.63 -2.68
CA THR C 275 32.07 33.50 -1.56
C THR C 275 32.77 34.83 -1.85
N ASP C 276 33.43 35.08 -2.97
CA ASP C 276 33.98 36.40 -3.24
C ASP C 276 32.95 37.46 -3.69
N VAL C 277 31.82 36.85 -4.05
CA VAL C 277 30.61 37.53 -4.49
C VAL C 277 30.02 38.18 -3.27
N ASP C 278 30.27 37.63 -2.11
CA ASP C 278 29.67 38.14 -0.90
C ASP C 278 30.10 39.51 -0.53
N LYS C 279 31.24 39.89 -1.08
CA LYS C 279 31.86 41.12 -0.68
C LYS C 279 31.47 42.24 -1.61
N THR C 280 30.74 41.86 -2.62
CA THR C 280 30.28 42.67 -3.71
C THR C 280 29.05 43.47 -3.30
N PRO C 281 28.73 44.68 -3.72
CA PRO C 281 27.41 45.28 -3.54
C PRO C 281 26.26 44.49 -4.20
N HIS C 282 26.58 43.52 -5.02
CA HIS C 282 25.52 42.85 -5.75
C HIS C 282 24.88 41.71 -4.97
N ALA C 283 25.72 41.05 -4.17
CA ALA C 283 25.29 39.90 -3.41
C ALA C 283 24.17 40.35 -2.45
N TRP C 284 23.05 39.61 -2.43
CA TRP C 284 21.91 40.09 -1.65
C TRP C 284 21.08 38.92 -1.14
N TYR C 285 21.57 37.70 -1.30
CA TYR C 285 20.84 36.54 -0.84
C TYR C 285 20.71 36.50 0.70
N PHE C 286 21.64 36.91 1.59
CA PHE C 286 21.34 37.00 3.04
C PHE C 286 20.26 38.03 3.45
N GLN C 287 20.31 39.18 2.83
CA GLN C 287 19.36 40.23 3.01
C GLN C 287 18.00 39.78 2.51
N GLN C 288 17.91 39.02 1.41
CA GLN C 288 16.70 38.39 0.93
C GLN C 288 16.08 37.55 2.02
N ALA C 289 16.89 36.65 2.58
CA ALA C 289 16.50 35.73 3.67
C ALA C 289 15.94 36.39 4.91
N GLY C 290 16.46 37.59 5.06
CA GLY C 290 16.05 38.48 6.09
C GLY C 290 14.72 39.10 5.88
N ASN C 291 14.37 39.32 4.63
CA ASN C 291 13.10 39.86 4.28
C ASN C 291 11.98 38.86 4.50
N GLY C 292 12.38 37.56 4.52
CA GLY C 292 11.55 36.47 5.04
C GLY C 292 10.86 36.86 6.38
N ILE C 293 11.46 37.65 7.30
CA ILE C 293 10.77 37.98 8.51
C ILE C 293 9.61 38.90 8.22
N PHE C 294 9.81 39.91 7.38
CA PHE C 294 8.76 40.90 7.21
C PHE C 294 7.62 40.42 6.29
N ALA C 295 7.91 39.68 5.25
CA ALA C 295 6.85 39.21 4.41
C ALA C 295 5.97 38.15 5.11
N ARG C 296 6.61 37.40 6.02
CA ARG C 296 5.99 36.30 6.72
C ARG C 296 5.16 36.89 7.82
N GLN C 297 5.61 37.99 8.36
CA GLN C 297 4.93 38.65 9.43
C GLN C 297 3.61 39.16 8.91
N ALA C 298 3.83 39.83 7.78
CA ALA C 298 2.80 40.48 7.04
C ALA C 298 1.61 39.55 6.84
N LEU C 299 1.94 38.35 6.40
CA LEU C 299 0.98 37.32 6.15
C LEU C 299 0.06 37.01 7.31
N LEU C 300 0.72 36.62 8.41
CA LEU C 300 0.00 36.29 9.65
C LEU C 300 -0.83 37.49 10.08
N ALA C 301 -0.30 38.74 10.01
CA ALA C 301 -1.03 39.95 10.37
C ALA C 301 -2.33 40.15 9.57
N LEU C 302 -2.22 40.07 8.25
CA LEU C 302 -3.40 40.10 7.38
C LEU C 302 -4.36 38.90 7.53
N VAL C 303 -3.87 37.68 7.76
CA VAL C 303 -4.76 36.55 7.91
C VAL C 303 -5.52 36.54 9.25
N LEU C 304 -4.86 37.02 10.30
CA LEU C 304 -5.46 37.02 11.59
C LEU C 304 -6.07 38.36 12.02
N ASN C 305 -5.94 39.51 11.32
CA ASN C 305 -6.53 40.75 11.81
C ASN C 305 -7.46 41.42 10.82
N ARG C 306 -8.76 41.44 11.12
CA ARG C 306 -9.83 42.04 10.32
C ARG C 306 -9.63 43.30 9.48
N ASP C 307 -9.23 44.33 10.19
CA ASP C 307 -9.07 45.64 9.63
C ASP C 307 -7.72 45.91 10.29
N LEU C 308 -6.57 45.75 9.64
CA LEU C 308 -5.29 46.13 10.24
C LEU C 308 -5.12 47.59 9.95
N VAL C 309 -4.91 48.41 10.97
CA VAL C 309 -4.80 49.85 10.77
C VAL C 309 -3.33 50.21 10.74
N LEU C 310 -2.81 50.58 9.55
CA LEU C 310 -1.44 51.04 9.27
C LEU C 310 -1.40 51.45 7.79
N GLY D 8 -37.32 -4.56 -27.63
CA GLY D 8 -35.97 -4.04 -27.48
C GLY D 8 -35.80 -3.71 -26.00
N VAL D 9 -34.92 -2.79 -25.67
CA VAL D 9 -34.72 -2.38 -24.27
C VAL D 9 -35.19 -0.94 -24.45
N GLU D 10 -36.50 -0.69 -24.22
CA GLU D 10 -37.13 0.58 -24.68
C GLU D 10 -38.38 1.21 -23.98
N ALA D 11 -39.44 0.41 -23.80
CA ALA D 11 -40.72 0.96 -23.40
C ALA D 11 -40.87 1.28 -21.93
N ILE D 12 -40.50 2.48 -21.50
CA ILE D 12 -40.75 2.83 -20.12
C ILE D 12 -41.78 3.95 -20.12
N LYS D 13 -42.56 4.02 -19.06
CA LYS D 13 -43.57 5.06 -18.91
C LYS D 13 -42.95 6.31 -18.30
N ARG D 14 -41.73 6.23 -17.77
CA ARG D 14 -41.09 7.33 -17.09
C ARG D 14 -39.65 6.90 -16.82
N GLY D 15 -38.70 7.85 -16.79
CA GLY D 15 -37.31 7.59 -16.43
C GLY D 15 -36.31 8.22 -17.40
N THR D 16 -35.09 7.69 -17.36
CA THR D 16 -33.97 8.09 -18.17
C THR D 16 -33.50 6.86 -18.96
N VAL D 17 -33.00 7.13 -20.16
CA VAL D 17 -32.45 6.12 -21.04
C VAL D 17 -31.15 6.69 -21.57
N ILE D 18 -30.03 6.07 -21.23
CA ILE D 18 -28.78 6.57 -21.74
C ILE D 18 -28.67 5.72 -22.97
N ASP D 19 -28.94 6.34 -24.09
CA ASP D 19 -28.71 5.63 -25.32
C ASP D 19 -27.35 5.96 -25.88
N HIS D 20 -26.85 5.10 -26.79
CA HIS D 20 -25.72 5.39 -27.65
C HIS D 20 -24.35 5.32 -26.99
N ILE D 21 -24.20 4.41 -26.01
CA ILE D 21 -22.98 4.22 -25.24
C ILE D 21 -22.00 3.30 -26.00
N PRO D 22 -20.80 3.79 -26.36
CA PRO D 22 -19.84 3.14 -27.24
C PRO D 22 -19.43 1.65 -27.25
N ALA D 23 -19.99 0.74 -26.41
CA ALA D 23 -19.60 -0.68 -26.26
C ALA D 23 -18.39 -0.75 -25.33
N GLN D 24 -18.39 -1.76 -24.45
CA GLN D 24 -17.50 -1.82 -23.29
C GLN D 24 -17.52 -0.65 -22.29
N ILE D 25 -18.30 0.42 -22.50
CA ILE D 25 -18.37 1.52 -21.56
C ILE D 25 -19.57 1.46 -20.63
N GLY D 26 -20.76 0.96 -20.96
CA GLY D 26 -21.95 0.92 -20.09
C GLY D 26 -21.66 0.28 -18.75
N PHE D 27 -20.84 -0.79 -18.73
CA PHE D 27 -20.52 -1.41 -17.45
C PHE D 27 -19.66 -0.49 -16.58
N LYS D 28 -18.74 0.18 -17.32
CA LYS D 28 -17.82 1.14 -16.77
C LYS D 28 -18.64 2.27 -16.16
N LEU D 29 -19.68 2.73 -16.87
CA LEU D 29 -20.55 3.78 -16.41
C LEU D 29 -21.32 3.39 -15.20
N LEU D 30 -21.90 2.19 -15.16
CA LEU D 30 -22.65 1.72 -13.98
C LEU D 30 -21.74 1.58 -12.77
N SER D 31 -20.47 1.24 -13.05
CA SER D 31 -19.48 1.08 -11.97
C SER D 31 -19.13 2.45 -11.38
N LEU D 32 -18.68 3.37 -12.23
CA LEU D 32 -18.18 4.63 -11.76
C LEU D 32 -19.29 5.44 -11.15
N PHE D 33 -20.35 5.62 -11.94
CA PHE D 33 -21.33 6.57 -11.48
C PHE D 33 -22.28 5.95 -10.48
N LYS D 34 -22.13 4.64 -10.23
CA LYS D 34 -22.91 3.85 -9.25
C LYS D 34 -24.42 3.89 -9.50
N LEU D 35 -24.70 3.67 -10.79
CA LEU D 35 -26.07 3.65 -11.26
C LEU D 35 -26.90 2.54 -10.63
N THR D 36 -26.30 1.41 -10.31
CA THR D 36 -26.99 0.25 -9.82
C THR D 36 -27.47 0.17 -8.35
N GLU D 37 -26.82 0.91 -7.45
CA GLU D 37 -27.20 0.92 -6.05
C GLU D 37 -28.41 1.83 -6.03
N THR D 38 -29.59 1.16 -6.09
CA THR D 38 -30.93 1.73 -6.20
C THR D 38 -31.93 0.53 -6.13
N ASP D 39 -33.19 0.60 -5.64
CA ASP D 39 -34.04 -0.57 -5.84
C ASP D 39 -35.21 -0.33 -6.79
N GLN D 40 -34.71 0.22 -7.88
CA GLN D 40 -35.51 0.66 -9.00
C GLN D 40 -35.18 -0.20 -10.23
N ARG D 41 -36.13 -0.29 -11.15
CA ARG D 41 -35.92 -1.13 -12.31
C ARG D 41 -34.94 -0.45 -13.27
N ILE D 42 -33.88 -1.23 -13.56
CA ILE D 42 -32.86 -0.83 -14.50
C ILE D 42 -32.75 -1.92 -15.58
N THR D 43 -32.74 -1.60 -16.87
CA THR D 43 -32.54 -2.60 -17.90
C THR D 43 -31.33 -2.15 -18.69
N ILE D 44 -30.31 -2.97 -18.61
CA ILE D 44 -29.08 -2.65 -19.28
C ILE D 44 -29.04 -3.64 -20.44
N GLY D 45 -28.62 -3.12 -21.59
CA GLY D 45 -28.42 -3.88 -22.78
C GLY D 45 -26.99 -3.67 -23.23
N LEU D 46 -26.19 -4.72 -23.35
CA LEU D 46 -24.79 -4.52 -23.71
C LEU D 46 -24.49 -5.25 -24.98
N ASN D 47 -23.72 -4.56 -25.82
CA ASN D 47 -23.28 -5.02 -27.14
C ASN D 47 -24.49 -5.25 -28.03
N LEU D 48 -25.44 -4.31 -27.88
CA LEU D 48 -26.69 -4.32 -28.62
C LEU D 48 -26.43 -4.09 -30.09
N PRO D 49 -27.24 -4.72 -30.98
CA PRO D 49 -27.11 -4.65 -32.44
C PRO D 49 -26.55 -3.32 -32.91
N SER D 50 -27.27 -2.24 -32.64
CA SER D 50 -26.78 -0.90 -32.91
C SER D 50 -26.10 -0.62 -34.25
N GLY D 51 -26.37 -1.35 -35.35
CA GLY D 51 -25.78 -1.09 -36.68
C GLY D 51 -25.83 0.39 -37.03
N GLU D 52 -26.96 1.00 -36.66
CA GLU D 52 -27.22 2.41 -36.78
C GLU D 52 -26.06 3.24 -36.26
N MET D 53 -25.44 2.78 -35.17
CA MET D 53 -24.22 3.34 -34.68
C MET D 53 -23.30 2.29 -34.10
N GLY D 54 -22.85 1.41 -35.02
CA GLY D 54 -21.82 0.39 -34.77
C GLY D 54 -22.24 -0.77 -33.91
N ARG D 55 -22.05 -0.59 -32.60
CA ARG D 55 -22.36 -1.57 -31.56
C ARG D 55 -22.32 -0.73 -30.29
N LYS D 56 -23.42 -0.72 -29.55
CA LYS D 56 -23.48 0.12 -28.39
C LYS D 56 -23.87 -0.70 -27.18
N ASP D 57 -24.11 0.06 -26.11
CA ASP D 57 -24.70 -0.39 -24.88
C ASP D 57 -25.86 0.57 -24.67
N LEU D 58 -26.77 0.23 -23.76
CA LEU D 58 -27.96 1.03 -23.50
C LEU D 58 -28.39 0.85 -22.05
N ILE D 59 -28.66 1.88 -21.27
CA ILE D 59 -29.03 1.66 -19.89
C ILE D 59 -30.37 2.38 -19.73
N LYS D 60 -31.36 1.75 -19.10
CA LYS D 60 -32.64 2.36 -18.79
C LYS D 60 -33.04 2.30 -17.31
N ILE D 61 -33.20 3.43 -16.59
CA ILE D 61 -33.65 3.38 -15.21
C ILE D 61 -34.97 4.09 -15.22
N GLU D 62 -35.92 3.38 -14.64
CA GLU D 62 -37.28 3.85 -14.48
C GLU D 62 -37.34 4.81 -13.31
N ASN D 63 -38.27 5.79 -13.37
CA ASN D 63 -38.55 6.73 -12.27
C ASN D 63 -37.34 7.46 -11.72
N THR D 64 -36.32 7.54 -12.56
CA THR D 64 -35.07 8.20 -12.22
C THR D 64 -34.69 9.13 -13.37
N PHE D 65 -34.33 10.33 -12.97
CA PHE D 65 -33.98 11.42 -13.87
C PHE D 65 -32.59 11.92 -13.44
N LEU D 66 -31.60 11.76 -14.33
CA LEU D 66 -30.26 12.22 -14.05
C LEU D 66 -30.29 13.68 -14.42
N SER D 67 -29.99 14.56 -13.49
CA SER D 67 -30.00 15.93 -13.89
C SER D 67 -28.61 16.45 -14.19
N GLU D 68 -28.72 17.41 -15.10
CA GLU D 68 -27.69 18.27 -15.66
C GLU D 68 -26.20 17.86 -15.44
N ASP D 69 -25.69 18.06 -14.21
CA ASP D 69 -24.33 17.76 -13.75
C ASP D 69 -23.86 16.34 -14.09
N GLN D 70 -24.80 15.42 -13.94
CA GLN D 70 -24.58 14.01 -14.15
C GLN D 70 -24.34 13.60 -15.60
N VAL D 71 -25.12 14.20 -16.52
CA VAL D 71 -24.99 13.87 -17.93
C VAL D 71 -23.66 14.40 -18.37
N ASP D 72 -23.34 15.63 -17.99
CA ASP D 72 -22.03 16.20 -18.34
C ASP D 72 -20.85 15.43 -17.77
N GLN D 73 -20.96 14.81 -16.58
CA GLN D 73 -19.94 13.89 -16.08
C GLN D 73 -19.67 12.66 -16.94
N LEU D 74 -20.57 12.31 -17.82
CA LEU D 74 -20.36 11.20 -18.74
C LEU D 74 -19.47 11.54 -19.94
N ALA D 75 -19.15 12.82 -20.13
CA ALA D 75 -18.46 13.31 -21.30
C ALA D 75 -17.07 12.75 -21.57
N LEU D 76 -16.29 12.42 -20.54
CA LEU D 76 -15.01 11.84 -20.84
C LEU D 76 -15.16 10.38 -21.24
N TYR D 77 -16.36 9.79 -21.08
CA TYR D 77 -16.51 8.38 -21.30
C TYR D 77 -17.24 7.93 -22.54
N ALA D 78 -18.39 8.55 -22.72
CA ALA D 78 -19.23 8.23 -23.87
C ALA D 78 -19.68 9.58 -24.42
N PRO D 79 -18.82 10.34 -25.12
CA PRO D 79 -19.07 11.75 -25.52
C PRO D 79 -20.23 12.00 -26.50
N GLN D 80 -20.65 10.93 -27.18
CA GLN D 80 -21.69 10.89 -28.21
C GLN D 80 -23.04 10.31 -27.73
N ALA D 81 -23.15 9.85 -26.49
CA ALA D 81 -24.36 9.29 -25.95
C ALA D 81 -25.50 10.30 -25.90
N THR D 82 -26.69 9.73 -25.73
CA THR D 82 -27.93 10.47 -25.76
C THR D 82 -28.73 10.28 -24.46
N VAL D 83 -28.79 11.23 -23.54
CA VAL D 83 -29.74 11.04 -22.47
C VAL D 83 -31.06 11.58 -23.06
N ASN D 84 -32.17 11.10 -22.52
CA ASN D 84 -33.53 11.42 -22.95
C ASN D 84 -34.38 11.15 -21.72
N ARG D 85 -35.26 12.06 -21.30
CA ARG D 85 -36.12 11.72 -20.17
C ARG D 85 -37.46 11.25 -20.71
N ILE D 86 -38.26 10.59 -19.88
CA ILE D 86 -39.56 10.07 -20.24
C ILE D 86 -40.43 10.41 -19.01
N ASP D 87 -41.58 11.12 -19.10
CA ASP D 87 -42.39 11.48 -17.92
C ASP D 87 -43.76 10.81 -17.81
N ASN D 88 -44.22 10.49 -19.00
CA ASN D 88 -45.37 9.66 -19.30
C ASN D 88 -44.77 8.76 -20.36
N TYR D 89 -45.43 7.76 -20.95
CA TYR D 89 -44.83 6.82 -21.89
C TYR D 89 -44.13 7.35 -23.19
N GLU D 90 -43.52 8.55 -23.24
CA GLU D 90 -42.84 9.07 -24.41
C GLU D 90 -41.76 10.09 -24.04
N VAL D 91 -40.77 10.18 -24.93
CA VAL D 91 -39.51 10.92 -24.80
C VAL D 91 -39.61 12.43 -24.58
N VAL D 92 -39.79 12.81 -23.34
CA VAL D 92 -40.00 14.20 -23.01
C VAL D 92 -38.77 15.10 -23.14
N GLY D 93 -37.59 14.66 -23.56
CA GLY D 93 -36.45 15.56 -23.63
C GLY D 93 -35.23 14.84 -24.14
N LYS D 94 -34.19 15.56 -24.50
CA LYS D 94 -32.97 14.98 -25.06
C LYS D 94 -31.84 15.78 -24.44
N SER D 95 -30.68 15.16 -24.30
CA SER D 95 -29.53 15.74 -23.62
C SER D 95 -28.33 15.08 -24.22
N ARG D 96 -27.21 15.75 -24.39
CA ARG D 96 -25.98 15.08 -24.88
C ARG D 96 -24.88 15.54 -23.90
N PRO D 97 -23.84 14.77 -23.50
CA PRO D 97 -22.88 15.16 -22.46
C PRO D 97 -22.03 16.32 -22.94
N SER D 98 -21.87 17.37 -22.13
CA SER D 98 -20.98 18.47 -22.47
C SER D 98 -19.87 18.28 -21.45
N LEU D 99 -18.64 18.56 -21.87
CA LEU D 99 -17.43 18.42 -21.03
C LEU D 99 -17.54 19.40 -19.87
N PRO D 100 -17.51 19.03 -18.59
CA PRO D 100 -17.76 19.96 -17.49
C PRO D 100 -16.50 20.77 -17.10
N GLU D 101 -16.60 21.82 -16.28
CA GLU D 101 -15.39 22.47 -15.77
C GLU D 101 -14.55 21.62 -14.83
N ARG D 102 -15.17 20.69 -14.11
CA ARG D 102 -14.51 19.92 -13.08
C ARG D 102 -15.07 18.49 -13.10
N ILE D 103 -14.34 17.51 -12.58
CA ILE D 103 -14.76 16.13 -12.54
C ILE D 103 -14.33 15.69 -11.16
N ASP D 104 -15.25 15.40 -10.25
CA ASP D 104 -14.83 15.02 -8.92
C ASP D 104 -15.07 13.56 -8.74
N ASN D 105 -14.66 13.04 -7.58
CA ASN D 105 -14.89 11.65 -7.17
C ASN D 105 -14.39 10.46 -7.97
N VAL D 106 -14.36 10.50 -9.30
CA VAL D 106 -14.14 9.32 -10.11
C VAL D 106 -12.74 9.00 -10.60
N LEU D 107 -11.94 10.02 -10.94
CA LEU D 107 -10.63 9.78 -11.52
C LEU D 107 -9.60 9.61 -10.40
N VAL D 108 -8.44 9.00 -10.64
CA VAL D 108 -7.43 8.93 -9.60
C VAL D 108 -6.21 9.72 -10.07
N CYS D 109 -5.56 10.46 -9.18
CA CYS D 109 -4.37 11.21 -9.53
C CYS D 109 -3.13 10.35 -9.92
N PRO D 110 -2.53 10.66 -11.10
CA PRO D 110 -1.32 10.07 -11.61
C PRO D 110 -0.13 10.34 -10.71
N ASN D 111 -0.21 11.42 -9.95
CA ASN D 111 0.91 11.76 -9.12
C ASN D 111 0.95 10.79 -7.95
N SER D 112 2.05 10.05 -7.72
CA SER D 112 2.09 9.08 -6.63
C SER D 112 2.42 9.80 -5.34
N ASN D 113 3.01 10.99 -5.38
CA ASN D 113 3.21 11.70 -4.13
C ASN D 113 2.08 12.68 -3.78
N CYS D 114 0.95 12.65 -4.50
CA CYS D 114 -0.19 13.45 -4.19
C CYS D 114 -0.88 12.96 -2.91
N ILE D 115 -1.25 13.80 -1.95
CA ILE D 115 -1.88 13.37 -0.73
C ILE D 115 -3.21 12.69 -0.94
N SER D 116 -3.88 12.91 -2.08
CA SER D 116 -5.18 12.29 -2.39
C SER D 116 -5.10 10.76 -2.20
N HIS D 117 -3.90 10.21 -2.44
CA HIS D 117 -3.69 8.81 -2.34
C HIS D 117 -3.86 8.16 -1.00
N ALA D 118 -3.85 8.77 0.21
CA ALA D 118 -4.24 7.96 1.39
C ALA D 118 -5.23 8.65 2.30
N GLU D 119 -5.69 9.84 1.92
CA GLU D 119 -6.55 10.58 2.81
C GLU D 119 -8.06 10.48 2.53
N PRO D 120 -8.96 10.65 3.50
CA PRO D 120 -10.44 10.56 3.34
C PRO D 120 -11.08 11.69 2.54
N VAL D 121 -10.74 11.82 1.26
CA VAL D 121 -10.99 13.01 0.48
C VAL D 121 -11.40 12.58 -0.92
N SER D 122 -12.16 13.34 -1.67
CA SER D 122 -12.52 12.93 -3.01
C SER D 122 -11.64 13.69 -3.96
N SER D 123 -11.24 13.03 -5.03
CA SER D 123 -10.44 13.71 -6.01
C SER D 123 -11.30 14.78 -6.72
N SER D 124 -10.64 15.83 -7.23
CA SER D 124 -11.26 16.84 -8.05
C SER D 124 -10.26 17.15 -9.16
N PHE D 125 -10.66 17.08 -10.41
CA PHE D 125 -9.80 17.57 -11.45
C PHE D 125 -10.51 18.68 -12.23
N ALA D 126 -9.78 19.74 -12.61
CA ALA D 126 -10.36 20.75 -13.46
C ALA D 126 -9.95 20.42 -14.91
N VAL D 127 -10.95 20.59 -15.75
CA VAL D 127 -11.00 20.21 -17.14
C VAL D 127 -10.56 21.35 -18.02
N ARG D 128 -9.53 21.19 -18.84
CA ARG D 128 -9.18 22.22 -19.80
C ARG D 128 -8.79 21.51 -21.07
N LYS D 129 -9.75 21.62 -21.99
CA LYS D 129 -9.64 21.03 -23.32
C LYS D 129 -8.60 21.93 -23.96
N ARG D 130 -7.40 21.39 -24.12
CA ARG D 130 -6.33 22.17 -24.69
C ARG D 130 -5.74 21.26 -25.73
N ALA D 131 -5.75 21.97 -26.87
CA ALA D 131 -5.18 21.54 -28.14
C ALA D 131 -5.68 20.18 -28.60
N ASN D 132 -5.04 19.10 -28.15
CA ASN D 132 -5.35 17.83 -28.75
C ASN D 132 -5.87 16.80 -27.78
N ASP D 133 -6.33 17.22 -26.59
CA ASP D 133 -6.85 16.34 -25.56
C ASP D 133 -7.43 17.28 -24.51
N ILE D 134 -7.70 16.69 -23.34
CA ILE D 134 -8.10 17.50 -22.21
C ILE D 134 -6.93 17.28 -21.26
N ALA D 135 -6.64 18.36 -20.58
CA ALA D 135 -5.68 18.39 -19.51
C ALA D 135 -6.52 18.42 -18.24
N LEU D 136 -6.14 17.67 -17.23
CA LEU D 136 -6.88 17.63 -15.99
C LEU D 136 -5.86 17.92 -14.88
N LYS D 137 -6.06 19.07 -14.26
CA LYS D 137 -5.22 19.47 -13.14
C LYS D 137 -5.96 19.03 -11.87
N CYS D 138 -5.17 18.39 -11.01
CA CYS D 138 -5.56 17.94 -9.67
C CYS D 138 -5.64 19.14 -8.73
N LYS D 139 -6.71 19.01 -7.95
CA LYS D 139 -7.08 19.88 -6.86
C LYS D 139 -5.98 20.18 -5.86
N TYR D 140 -5.38 19.03 -5.49
CA TYR D 140 -4.38 18.92 -4.45
C TYR D 140 -2.97 19.21 -4.92
N CYS D 141 -2.43 18.35 -5.77
CA CYS D 141 -1.07 18.59 -6.09
C CYS D 141 -0.92 19.71 -7.14
N GLU D 142 -2.03 20.15 -7.79
CA GLU D 142 -1.99 21.16 -8.84
C GLU D 142 -1.28 20.73 -10.13
N LYS D 143 -1.02 19.43 -10.32
CA LYS D 143 -0.36 18.96 -11.53
C LYS D 143 -1.42 18.69 -12.62
N GLU D 144 -1.13 19.14 -13.85
CA GLU D 144 -1.99 18.98 -15.00
C GLU D 144 -1.59 17.75 -15.77
N PHE D 145 -2.49 16.84 -16.11
CA PHE D 145 -2.14 15.63 -16.88
C PHE D 145 -3.15 15.41 -18.03
N SER D 146 -2.76 14.83 -19.16
CA SER D 146 -3.76 14.56 -20.18
C SER D 146 -4.65 13.45 -19.69
N HIS D 147 -5.93 13.67 -19.96
CA HIS D 147 -6.94 12.67 -19.70
C HIS D 147 -6.54 11.24 -20.12
N ASN D 148 -5.65 11.08 -21.09
CA ASN D 148 -5.16 9.78 -21.49
C ASN D 148 -4.37 9.12 -20.35
N VAL D 149 -3.48 9.88 -19.71
CA VAL D 149 -2.71 9.44 -18.56
C VAL D 149 -3.64 9.15 -17.37
N VAL D 150 -4.57 10.07 -17.13
CA VAL D 150 -5.45 9.94 -15.99
C VAL D 150 -6.30 8.67 -16.19
N LEU D 151 -6.80 8.49 -17.41
CA LEU D 151 -7.63 7.34 -17.67
C LEU D 151 -6.91 6.01 -17.83
N ALA D 152 -5.63 6.11 -18.20
CA ALA D 152 -4.76 4.97 -18.33
C ALA D 152 -4.66 4.22 -17.05
N ASN D 153 -4.66 5.06 -16.00
CA ASN D 153 -4.52 4.69 -14.60
C ASN D 153 -3.32 3.76 -14.35
#